data_4C20
#
_entry.id   4C20
#
_cell.length_a   151.931
_cell.length_b   151.931
_cell.length_c   408.853
_cell.angle_alpha   90.00
_cell.angle_beta   90.00
_cell.angle_gamma   120.00
#
_symmetry.space_group_name_H-M   'H 3 2'
#
loop_
_entity.id
_entity.type
_entity.pdbx_description
1 polymer 'L-FUCOSE ISOMERASE'
2 non-polymer 'MANGANESE (II) ION'
3 non-polymer 1,2-ETHANEDIOL
4 non-polymer 'SULFATE ION'
5 non-polymer 2-AMINO-2-HYDROXYMETHYL-PROPANE-1,3-DIOL
6 water water
#
_entity_poly.entity_id   1
_entity_poly.type   'polypeptide(L)'
_entity_poly.pdbx_seq_one_letter_code
;HHHHHSSGLVPRGSHMASIQHPRIGIRPTIDGRRQGVRESLEVQTMNMAKSVADLISSTLKYPDGEPVECVISPSTIGRV
PEAAASHELFKKSNVCATITVTPCWCYGSETMDMSPDIPHAIWGFNGTERPGAVYLAAVLASHAQKGIPAFGIYGRDVQE
ASDTDIPEDVKEKLLRYARAALATGLMRDTAYLSMGSVSMGIGGSIVNPDFFQEYLGMRNESVDMTEFTRRMDRGIYDPE
EFERALKWVKENVKEGFDHNREDLVLSREEKDRQWEFVIKMFMIGRDLMVGNPRLAELGFEEEAVGHHALVAGFQGQRQW
TDHFPNGDFMETFLNTQFDWNGIRKPFVFATENDSLNGVSMLFNYLLTNTPQIFADVRTYWSPEAVKRVTGHTLEGRAAA
GFLHLINSGSCTLDGTGQATRDGKPIMKPFWELEESEVQAMLENTDFPPANREYFRGGGFSTRFLTKGDMPVTMVRLNLL
KGVGPVLQIAEGYTLELPEDVHHTLDNRTDPGWPTTWFAPRLTGKGAFKSVYDVMNNWGANHGAITYGHIGADLITLASM
LRIPVNMHNVPEEDIFRPKNWSLFGTEDLESADYRACQLLGPLHK
;
_entity_poly.pdbx_strand_id   A,B
#
loop_
_chem_comp.id
_chem_comp.type
_chem_comp.name
_chem_comp.formula
EDO non-polymer 1,2-ETHANEDIOL 'C2 H6 O2'
MN non-polymer 'MANGANESE (II) ION' 'Mn 2'
SO4 non-polymer 'SULFATE ION' 'O4 S -2'
TRS non-polymer 2-AMINO-2-HYDROXYMETHYL-PROPANE-1,3-DIOL 'C4 H12 N O3 1'
#
# COMPACT_ATOMS: atom_id res chain seq x y z
N ILE A 19 21.82 10.94 10.88
CA ILE A 19 22.67 11.15 9.67
C ILE A 19 23.86 10.19 9.65
N GLN A 20 23.77 9.20 8.76
CA GLN A 20 24.84 8.25 8.49
C GLN A 20 26.09 8.96 7.93
N HIS A 21 27.25 8.35 8.13
CA HIS A 21 28.47 8.78 7.46
C HIS A 21 28.99 7.68 6.52
N PRO A 22 28.31 7.47 5.37
CA PRO A 22 28.84 6.51 4.39
C PRO A 22 30.21 6.93 3.81
N ARG A 23 31.07 5.97 3.54
CA ARG A 23 32.41 6.25 3.07
C ARG A 23 32.56 5.91 1.61
N ILE A 24 33.50 6.58 0.95
CA ILE A 24 33.94 6.15 -0.36
C ILE A 24 35.24 5.36 -0.21
N GLY A 25 35.25 4.14 -0.76
CA GLY A 25 36.46 3.31 -0.76
C GLY A 25 37.31 3.55 -2.00
N ILE A 26 38.59 3.87 -1.79
CA ILE A 26 39.49 4.17 -2.93
C ILE A 26 40.41 2.96 -3.12
N ARG A 27 40.45 2.42 -4.34
CA ARG A 27 41.19 1.16 -4.58
C ARG A 27 42.32 1.43 -5.58
N PRO A 28 43.57 1.45 -5.10
CA PRO A 28 44.66 1.72 -6.03
C PRO A 28 45.12 0.40 -6.61
N THR A 29 44.91 0.18 -7.91
CA THR A 29 45.30 -1.08 -8.51
C THR A 29 46.60 -0.91 -9.26
N ILE A 30 47.38 -2.00 -9.30
CA ILE A 30 48.76 -1.91 -9.77
C ILE A 30 49.14 -3.15 -10.58
N ASP A 31 50.08 -2.99 -11.53
CA ASP A 31 50.69 -4.14 -12.20
C ASP A 31 51.30 -5.04 -11.14
N GLY A 32 50.94 -6.32 -11.16
CA GLY A 32 51.40 -7.28 -10.14
C GLY A 32 52.86 -7.71 -10.23
N ARG A 33 53.47 -7.56 -11.41
CA ARG A 33 54.81 -8.10 -11.58
C ARG A 33 55.90 -7.26 -10.93
N ARG A 34 56.81 -7.94 -10.25
CA ARG A 34 57.81 -7.26 -9.45
C ARG A 34 59.13 -7.19 -10.21
N GLN A 35 60.23 -7.44 -9.50
CA GLN A 35 61.57 -7.21 -10.06
C GLN A 35 61.66 -5.85 -10.75
N GLY A 36 61.04 -4.86 -10.14
CA GLY A 36 61.17 -3.48 -10.61
C GLY A 36 59.89 -2.80 -11.03
N VAL A 37 59.04 -3.52 -11.76
CA VAL A 37 57.86 -2.88 -12.36
C VAL A 37 56.90 -2.36 -11.29
N ARG A 38 56.40 -3.27 -10.44
CA ARG A 38 55.45 -2.90 -9.43
C ARG A 38 56.05 -1.84 -8.50
N GLU A 39 57.27 -2.11 -8.02
CA GLU A 39 57.97 -1.21 -7.09
C GLU A 39 58.05 0.21 -7.62
N SER A 40 58.25 0.37 -8.91
CA SER A 40 58.40 1.69 -9.48
C SER A 40 57.08 2.42 -9.79
N LEU A 41 55.95 1.74 -9.64
CA LEU A 41 54.66 2.36 -9.86
C LEU A 41 53.93 2.63 -8.54
N GLU A 42 54.48 2.11 -7.46
CA GLU A 42 53.80 2.14 -6.16
C GLU A 42 53.42 3.55 -5.70
N VAL A 43 54.37 4.47 -5.78
CA VAL A 43 54.20 5.81 -5.23
C VAL A 43 53.20 6.62 -6.08
N GLN A 44 53.35 6.56 -7.39
CA GLN A 44 52.38 7.20 -8.28
C GLN A 44 50.95 6.65 -8.08
N THR A 45 50.81 5.34 -7.90
CA THR A 45 49.50 4.72 -7.80
C THR A 45 48.87 5.13 -6.48
N MET A 46 49.65 5.04 -5.40
CA MET A 46 49.16 5.38 -4.08
C MET A 46 48.83 6.89 -4.02
N ASN A 47 49.54 7.69 -4.81
CA ASN A 47 49.27 9.11 -4.87
C ASN A 47 47.94 9.43 -5.53
N MET A 48 47.59 8.71 -6.60
CA MET A 48 46.30 8.93 -7.26
C MET A 48 45.21 8.69 -6.21
N ALA A 49 45.36 7.64 -5.41
CA ALA A 49 44.34 7.32 -4.41
C ALA A 49 44.22 8.47 -3.42
N LYS A 50 45.36 8.99 -2.96
CA LYS A 50 45.37 10.02 -1.91
C LYS A 50 44.83 11.34 -2.44
N SER A 51 45.07 11.61 -3.70
CA SER A 51 44.53 12.84 -4.24
C SER A 51 43.00 12.81 -4.47
N VAL A 52 42.45 11.67 -4.92
CA VAL A 52 41.00 11.47 -4.96
C VAL A 52 40.40 11.60 -3.54
N ALA A 53 41.01 10.96 -2.55
CA ALA A 53 40.52 11.09 -1.17
C ALA A 53 40.46 12.55 -0.73
N ASP A 54 41.52 13.30 -1.03
CA ASP A 54 41.63 14.73 -0.68
C ASP A 54 40.62 15.58 -1.43
N LEU A 55 40.43 15.26 -2.70
CA LEU A 55 39.49 16.00 -3.51
C LEU A 55 38.12 15.83 -2.93
N ILE A 56 37.80 14.63 -2.51
CA ILE A 56 36.46 14.37 -1.99
C ILE A 56 36.26 14.90 -0.58
N SER A 57 37.20 14.63 0.31
CA SER A 57 37.06 15.04 1.71
C SER A 57 37.15 16.56 1.90
N SER A 58 37.83 17.24 0.99
CA SER A 58 37.90 18.68 1.10
C SER A 58 36.84 19.41 0.27
N THR A 59 36.05 18.71 -0.55
CA THR A 59 35.02 19.36 -1.35
C THR A 59 33.61 19.04 -0.84
N LEU A 60 33.36 17.82 -0.40
CA LEU A 60 32.00 17.42 -0.09
C LEU A 60 31.75 17.26 1.40
N LYS A 61 30.51 17.45 1.81
CA LYS A 61 30.14 17.29 3.20
C LYS A 61 28.87 16.46 3.33
N TYR A 62 28.71 15.81 4.48
CA TYR A 62 27.48 15.10 4.77
C TYR A 62 26.38 16.13 5.11
N PRO A 63 25.11 15.70 5.08
CA PRO A 63 24.02 16.61 5.49
C PRO A 63 24.25 17.33 6.82
N ASP A 64 25.10 16.79 7.69
CA ASP A 64 25.34 17.41 9.00
C ASP A 64 26.50 18.42 8.99
N GLY A 65 27.09 18.70 7.83
CA GLY A 65 28.18 19.66 7.71
C GLY A 65 29.58 19.08 7.92
N GLU A 66 29.68 17.82 8.31
CA GLU A 66 31.00 17.18 8.50
C GLU A 66 31.64 16.81 7.15
N PRO A 67 32.97 16.88 7.06
CA PRO A 67 33.54 16.51 5.74
C PRO A 67 33.33 15.02 5.41
N VAL A 68 33.11 14.72 4.13
CA VAL A 68 32.95 13.32 3.69
C VAL A 68 34.22 12.52 3.97
N GLU A 69 34.06 11.25 4.36
CA GLU A 69 35.19 10.40 4.74
C GLU A 69 35.48 9.36 3.66
N CYS A 70 36.76 9.14 3.41
CA CYS A 70 37.20 8.12 2.46
C CYS A 70 38.08 7.05 3.16
N VAL A 71 38.21 5.89 2.53
CA VAL A 71 39.05 4.81 3.05
C VAL A 71 39.82 4.26 1.86
N ILE A 72 41.14 4.17 2.00
CA ILE A 72 41.99 3.60 0.96
C ILE A 72 42.25 2.16 1.35
N SER A 73 42.31 1.27 0.37
CA SER A 73 42.69 -0.14 0.58
C SER A 73 43.97 -0.23 1.41
N PRO A 74 44.16 -1.33 2.16
CA PRO A 74 45.39 -1.45 3.00
C PRO A 74 46.67 -1.51 2.20
N SER A 75 46.58 -1.70 0.88
CA SER A 75 47.75 -1.66 0.01
C SER A 75 47.30 -1.43 -1.41
N THR A 76 48.26 -1.25 -2.31
CA THR A 76 47.94 -1.31 -3.71
C THR A 76 47.50 -2.75 -4.04
N ILE A 77 46.75 -2.88 -5.14
CA ILE A 77 46.09 -4.13 -5.51
C ILE A 77 46.62 -4.68 -6.83
N GLY A 78 47.47 -5.70 -6.75
CA GLY A 78 48.10 -6.28 -7.94
C GLY A 78 47.65 -7.69 -8.22
N ARG A 79 47.24 -8.39 -7.18
CA ARG A 79 46.74 -9.75 -7.26
C ARG A 79 45.56 -9.91 -6.31
N VAL A 80 44.81 -10.98 -6.51
CA VAL A 80 43.54 -11.16 -5.85
C VAL A 80 43.55 -11.11 -4.31
N PRO A 81 44.63 -11.59 -3.67
CA PRO A 81 44.57 -11.54 -2.21
C PRO A 81 44.60 -10.11 -1.69
N GLU A 82 45.18 -9.21 -2.48
CA GLU A 82 45.13 -7.78 -2.14
C GLU A 82 43.73 -7.24 -2.38
N ALA A 83 43.06 -7.72 -3.42
CA ALA A 83 41.65 -7.36 -3.63
C ALA A 83 40.77 -7.84 -2.45
N ALA A 84 41.04 -9.04 -1.95
CA ALA A 84 40.24 -9.61 -0.85
C ALA A 84 40.45 -8.84 0.43
N ALA A 85 41.68 -8.40 0.66
CA ALA A 85 42.02 -7.63 1.86
C ALA A 85 41.32 -6.28 1.82
N SER A 86 41.32 -5.66 0.64
CA SER A 86 40.62 -4.39 0.45
C SER A 86 39.14 -4.57 0.77
N HIS A 87 38.55 -5.63 0.21
CA HIS A 87 37.15 -6.00 0.42
C HIS A 87 36.87 -6.18 1.91
N GLU A 88 37.73 -6.93 2.60
CA GLU A 88 37.66 -7.11 4.06
C GLU A 88 37.62 -5.77 4.82
N LEU A 89 38.52 -4.87 4.49
CA LEU A 89 38.56 -3.57 5.16
C LEU A 89 37.27 -2.78 4.88
N PHE A 90 36.85 -2.73 3.61
CA PHE A 90 35.66 -1.99 3.19
C PHE A 90 34.38 -2.53 3.85
N LYS A 91 34.26 -3.85 3.94
CA LYS A 91 33.10 -4.50 4.57
C LYS A 91 32.82 -3.93 5.95
N LYS A 92 33.87 -3.55 6.67
CA LYS A 92 33.65 -3.04 7.99
C LYS A 92 33.88 -1.53 8.16
N SER A 93 34.13 -0.81 7.06
CA SER A 93 34.33 0.65 7.14
C SER A 93 33.16 1.43 6.52
N ASN A 94 31.99 0.79 6.41
CA ASN A 94 30.76 1.43 5.98
C ASN A 94 30.86 2.14 4.60
N VAL A 95 31.36 1.39 3.63
CA VAL A 95 31.68 1.92 2.33
C VAL A 95 30.46 1.79 1.44
N CYS A 96 30.02 2.89 0.85
CA CYS A 96 28.81 2.91 0.02
C CYS A 96 29.12 2.87 -1.47
N ALA A 97 30.38 2.99 -1.83
CA ALA A 97 30.78 3.03 -3.23
C ALA A 97 32.28 2.94 -3.31
N THR A 98 32.80 2.52 -4.47
CA THR A 98 34.22 2.50 -4.68
C THR A 98 34.69 3.35 -5.83
N ILE A 99 35.95 3.78 -5.76
CA ILE A 99 36.64 4.37 -6.89
C ILE A 99 37.98 3.67 -7.04
N THR A 100 38.19 3.00 -8.17
CA THR A 100 39.47 2.37 -8.43
C THR A 100 40.31 3.38 -9.18
N VAL A 101 41.56 3.52 -8.78
CA VAL A 101 42.49 4.41 -9.51
C VAL A 101 43.73 3.65 -9.93
N THR A 102 44.21 3.93 -11.14
CA THR A 102 45.44 3.32 -11.60
C THR A 102 46.11 4.18 -12.66
N PRO A 103 47.46 4.13 -12.71
CA PRO A 103 48.22 4.68 -13.82
C PRO A 103 48.77 3.63 -14.79
N CYS A 104 48.55 2.35 -14.50
CA CYS A 104 49.18 1.31 -15.28
C CYS A 104 48.23 0.20 -15.67
N TRP A 105 48.76 -0.78 -16.39
CA TRP A 105 48.05 -2.01 -16.67
C TRP A 105 47.95 -2.83 -15.37
N CYS A 106 46.79 -3.45 -15.15
CA CYS A 106 46.55 -4.33 -13.98
C CYS A 106 45.74 -5.52 -14.46
N TYR A 107 45.63 -6.57 -13.66
CA TYR A 107 45.01 -7.80 -14.20
C TYR A 107 43.51 -7.86 -13.94
N GLY A 108 42.76 -7.03 -14.67
CA GLY A 108 41.29 -7.00 -14.67
C GLY A 108 40.51 -7.80 -13.64
N SER A 109 40.03 -8.97 -14.02
CA SER A 109 39.17 -9.76 -13.13
C SER A 109 39.83 -10.16 -11.80
N GLU A 110 41.16 -10.13 -11.72
CA GLU A 110 41.86 -10.46 -10.46
C GLU A 110 41.82 -9.28 -9.46
N THR A 111 41.60 -8.07 -9.97
CA THR A 111 41.75 -6.83 -9.17
C THR A 111 40.45 -6.06 -8.95
N MET A 112 39.42 -6.42 -9.72
CA MET A 112 38.12 -5.72 -9.70
C MET A 112 37.37 -5.95 -8.40
N ASP A 113 36.53 -4.97 -8.06
CA ASP A 113 35.61 -5.11 -6.94
C ASP A 113 34.33 -5.80 -7.41
N MET A 114 33.92 -6.85 -6.71
CA MET A 114 32.80 -7.69 -7.14
C MET A 114 31.47 -7.31 -6.48
N SER A 115 31.48 -6.28 -5.63
CA SER A 115 30.28 -5.96 -4.84
C SER A 115 29.16 -5.51 -5.80
N PRO A 116 28.02 -6.22 -5.79
CA PRO A 116 26.92 -5.96 -6.72
C PRO A 116 25.92 -4.89 -6.25
N ASP A 117 25.94 -4.56 -4.96
CA ASP A 117 24.90 -3.69 -4.36
C ASP A 117 25.36 -2.25 -4.13
N ILE A 118 26.51 -1.87 -4.70
CA ILE A 118 27.03 -0.50 -4.56
C ILE A 118 27.65 -0.06 -5.88
N PRO A 119 27.65 1.26 -6.15
CA PRO A 119 28.33 1.74 -7.35
C PRO A 119 29.86 1.63 -7.30
N HIS A 120 30.47 1.70 -8.49
CA HIS A 120 31.91 1.62 -8.68
C HIS A 120 32.27 2.57 -9.79
N ALA A 121 33.44 3.20 -9.65
CA ALA A 121 33.99 4.08 -10.67
C ALA A 121 35.44 3.71 -10.83
N ILE A 122 35.92 3.77 -12.06
CA ILE A 122 37.32 3.54 -12.28
C ILE A 122 37.90 4.76 -12.98
N TRP A 123 38.94 5.33 -12.39
CA TRP A 123 39.71 6.39 -13.02
C TRP A 123 41.03 5.84 -13.52
N GLY A 124 41.20 5.88 -14.84
CA GLY A 124 42.43 5.43 -15.46
C GLY A 124 43.23 6.61 -15.93
N PHE A 125 44.42 6.78 -15.37
CA PHE A 125 45.28 7.91 -15.70
C PHE A 125 45.54 7.94 -17.21
N ASN A 126 45.30 9.09 -17.84
CA ASN A 126 45.64 9.21 -19.26
C ASN A 126 47.11 9.60 -19.46
N GLY A 127 47.98 8.60 -19.43
CA GLY A 127 49.42 8.78 -19.64
C GLY A 127 49.90 7.77 -20.66
N THR A 128 51.10 7.99 -21.20
CA THR A 128 51.62 7.15 -22.29
C THR A 128 52.56 6.03 -21.81
N GLU A 129 53.41 6.34 -20.83
CA GLU A 129 54.29 5.36 -20.20
C GLU A 129 53.39 4.70 -19.21
N ARG A 130 52.33 5.44 -18.88
CA ARG A 130 51.35 5.10 -17.86
C ARG A 130 50.01 4.69 -18.47
N PRO A 131 49.91 3.43 -19.03
CA PRO A 131 48.71 2.83 -19.70
C PRO A 131 47.48 2.50 -18.80
N GLY A 132 47.14 3.42 -17.91
CA GLY A 132 45.93 3.29 -17.09
C GLY A 132 44.63 3.14 -17.89
N ALA A 133 44.60 3.70 -19.10
CA ALA A 133 43.42 3.72 -19.95
C ALA A 133 43.16 2.36 -20.57
N VAL A 134 44.22 1.62 -20.85
CA VAL A 134 44.09 0.23 -21.32
C VAL A 134 43.44 -0.63 -20.22
N TYR A 135 43.87 -0.43 -18.97
CA TYR A 135 43.27 -1.11 -17.84
C TYR A 135 41.82 -0.70 -17.67
N LEU A 136 41.58 0.61 -17.77
CA LEU A 136 40.26 1.17 -17.60
C LEU A 136 39.28 0.43 -18.52
N ALA A 137 39.56 0.43 -19.82
CA ALA A 137 38.69 -0.22 -20.77
C ALA A 137 38.57 -1.77 -20.56
N ALA A 138 39.68 -2.42 -20.20
CA ALA A 138 39.67 -3.85 -20.01
C ALA A 138 38.77 -4.20 -18.81
N VAL A 139 38.97 -3.51 -17.68
CA VAL A 139 38.23 -3.81 -16.46
C VAL A 139 36.75 -3.50 -16.60
N LEU A 140 36.43 -2.38 -17.27
CA LEU A 140 35.03 -2.06 -17.59
C LEU A 140 34.41 -3.12 -18.51
N ALA A 141 35.21 -3.71 -19.40
CA ALA A 141 34.69 -4.83 -20.20
C ALA A 141 34.24 -5.98 -19.27
N SER A 142 35.05 -6.26 -18.25
CA SER A 142 34.71 -7.30 -17.26
C SER A 142 33.46 -6.96 -16.46
N HIS A 143 33.41 -5.73 -15.94
CA HIS A 143 32.20 -5.22 -15.31
C HIS A 143 30.96 -5.47 -16.15
N ALA A 144 30.99 -5.11 -17.44
CA ALA A 144 29.81 -5.24 -18.28
C ALA A 144 29.49 -6.73 -18.53
N GLN A 145 30.52 -7.54 -18.75
CA GLN A 145 30.37 -8.98 -19.01
C GLN A 145 29.83 -9.75 -17.79
N LYS A 146 30.11 -9.22 -16.60
CA LYS A 146 29.76 -9.90 -15.37
C LYS A 146 28.56 -9.25 -14.71
N GLY A 147 28.02 -8.20 -15.37
CA GLY A 147 26.80 -7.54 -14.93
C GLY A 147 26.93 -6.71 -13.65
N ILE A 148 28.08 -6.09 -13.47
CA ILE A 148 28.35 -5.25 -12.30
C ILE A 148 28.65 -3.85 -12.81
N PRO A 149 27.65 -2.96 -12.77
CA PRO A 149 27.81 -1.67 -13.41
C PRO A 149 28.95 -0.87 -12.78
N ALA A 150 29.77 -0.26 -13.64
CA ALA A 150 30.83 0.62 -13.19
C ALA A 150 30.95 1.84 -14.12
N PHE A 151 31.21 2.99 -13.51
CA PHE A 151 31.49 4.23 -14.26
C PHE A 151 32.95 4.29 -14.76
N GLY A 152 33.15 4.92 -15.91
CA GLY A 152 34.48 5.08 -16.49
C GLY A 152 34.90 6.54 -16.51
N ILE A 153 36.06 6.84 -15.93
CA ILE A 153 36.54 8.23 -15.84
C ILE A 153 37.88 8.32 -16.56
N TYR A 154 37.84 8.88 -17.78
CA TYR A 154 39.00 9.05 -18.69
C TYR A 154 39.14 10.52 -19.07
N GLY A 155 40.28 11.14 -18.74
CA GLY A 155 40.52 12.57 -19.07
C GLY A 155 40.80 12.79 -20.55
N ARG A 156 40.35 13.92 -21.09
CA ARG A 156 40.57 14.28 -22.50
C ARG A 156 42.08 14.37 -22.93
N ASP A 157 42.96 14.85 -22.06
CA ASP A 157 44.33 15.21 -22.47
C ASP A 157 45.41 14.34 -21.82
N VAL A 158 46.34 13.86 -22.64
CA VAL A 158 47.48 13.14 -22.09
C VAL A 158 48.17 14.00 -21.03
N GLN A 159 48.41 13.40 -19.87
CA GLN A 159 49.13 14.04 -18.79
C GLN A 159 50.54 13.46 -18.73
N GLU A 160 51.49 14.24 -18.23
CA GLU A 160 52.84 13.73 -17.98
C GLU A 160 52.81 12.71 -16.86
N ALA A 161 53.65 11.68 -16.99
CA ALA A 161 53.76 10.62 -15.98
C ALA A 161 53.89 11.17 -14.57
N SER A 162 54.44 12.38 -14.45
CA SER A 162 54.72 13.00 -13.17
C SER A 162 53.56 13.86 -12.66
N ASP A 163 52.73 14.36 -13.56
CA ASP A 163 51.65 15.26 -13.16
C ASP A 163 50.76 14.65 -12.08
N THR A 164 50.42 15.44 -11.06
CA THR A 164 49.57 14.92 -9.99
C THR A 164 48.30 15.76 -9.84
N ASP A 165 48.19 16.82 -10.63
CA ASP A 165 46.93 17.54 -10.77
C ASP A 165 45.87 16.62 -11.33
N ILE A 166 44.69 16.70 -10.72
CA ILE A 166 43.53 16.04 -11.27
C ILE A 166 42.96 17.04 -12.27
N PRO A 167 42.93 16.69 -13.57
CA PRO A 167 42.40 17.64 -14.57
C PRO A 167 40.94 17.95 -14.29
N GLU A 168 40.43 19.05 -14.83
CA GLU A 168 39.07 19.50 -14.49
C GLU A 168 37.97 18.55 -14.96
N ASP A 169 38.10 17.96 -16.16
CA ASP A 169 37.09 17.02 -16.65
C ASP A 169 37.00 15.78 -15.75
N VAL A 170 38.15 15.28 -15.31
CA VAL A 170 38.23 14.21 -14.33
C VAL A 170 37.62 14.59 -12.97
N LYS A 171 37.96 15.77 -12.44
CA LYS A 171 37.39 16.25 -11.17
C LYS A 171 35.88 16.22 -11.25
N GLU A 172 35.38 16.70 -12.37
CA GLU A 172 33.96 16.86 -12.51
C GLU A 172 33.29 15.49 -12.44
N LYS A 173 33.83 14.50 -13.13
CA LYS A 173 33.24 13.16 -13.12
C LYS A 173 33.34 12.54 -11.73
N LEU A 174 34.50 12.68 -11.10
CA LEU A 174 34.70 12.14 -9.78
C LEU A 174 33.69 12.70 -8.76
N LEU A 175 33.48 14.01 -8.79
CA LEU A 175 32.61 14.64 -7.80
C LEU A 175 31.15 14.32 -8.10
N ARG A 176 30.79 14.28 -9.38
CA ARG A 176 29.43 13.94 -9.77
C ARG A 176 29.15 12.51 -9.29
N TYR A 177 30.06 11.61 -9.61
CA TYR A 177 29.95 10.23 -9.17
C TYR A 177 29.83 10.17 -7.65
N ALA A 178 30.70 10.87 -6.95
CA ALA A 178 30.72 10.83 -5.49
C ALA A 178 29.44 11.39 -4.88
N ARG A 179 28.91 12.49 -5.42
CA ARG A 179 27.69 13.09 -4.87
C ARG A 179 26.52 12.12 -5.02
N ALA A 180 26.40 11.52 -6.19
CA ALA A 180 25.33 10.55 -6.41
C ALA A 180 25.52 9.30 -5.54
N ALA A 181 26.76 8.79 -5.48
CA ALA A 181 27.03 7.60 -4.64
C ALA A 181 26.66 7.80 -3.17
N LEU A 182 27.08 8.95 -2.64
CA LEU A 182 26.81 9.33 -1.27
C LEU A 182 25.33 9.43 -1.01
N ALA A 183 24.57 9.90 -2.00
CA ALA A 183 23.11 9.95 -1.84
C ALA A 183 22.55 8.52 -1.67
N THR A 184 23.01 7.58 -2.48
CA THR A 184 22.55 6.18 -2.29
C THR A 184 22.96 5.68 -0.89
N GLY A 185 24.18 6.02 -0.44
CA GLY A 185 24.65 5.60 0.88
C GLY A 185 23.89 6.20 2.05
N LEU A 186 23.48 7.47 1.93
CA LEU A 186 22.69 8.13 2.95
C LEU A 186 21.27 7.61 3.08
N MET A 187 20.66 7.17 1.98
CA MET A 187 19.29 6.66 2.04
C MET A 187 19.23 5.25 2.65
N ARG A 188 20.20 4.43 2.24
CA ARG A 188 20.20 3.02 2.61
C ARG A 188 19.90 2.77 4.08
N ASP A 189 18.92 1.90 4.34
CA ASP A 189 18.62 1.45 5.72
C ASP A 189 17.94 2.50 6.61
N THR A 190 17.52 3.63 6.01
CA THR A 190 16.67 4.58 6.71
C THR A 190 15.19 4.26 6.47
N ALA A 191 14.29 4.96 7.16
CA ALA A 191 12.87 4.78 6.92
C ALA A 191 12.18 6.03 6.35
N TYR A 192 11.10 5.76 5.63
CA TYR A 192 10.08 6.72 5.37
C TYR A 192 8.97 6.51 6.41
N LEU A 193 8.60 7.58 7.13
CA LEU A 193 7.47 7.47 8.04
C LEU A 193 6.21 8.09 7.46
N SER A 194 5.12 7.34 7.39
CA SER A 194 3.79 7.90 7.09
C SER A 194 3.04 8.24 8.38
N MET A 195 2.51 9.45 8.45
CA MET A 195 1.59 9.83 9.50
C MET A 195 0.25 9.97 8.82
N GLY A 196 -0.63 9.02 9.10
CA GLY A 196 -1.81 8.85 8.32
C GLY A 196 -1.48 7.88 7.19
N SER A 197 -2.28 7.97 6.12
CA SER A 197 -2.18 7.13 4.93
C SER A 197 -2.36 7.93 3.65
N VAL A 198 -3.42 7.53 2.95
CA VAL A 198 -3.75 8.06 1.67
C VAL A 198 -4.47 9.37 1.91
N SER A 199 -4.06 10.39 1.16
CA SER A 199 -4.63 11.70 1.28
C SER A 199 -5.42 11.97 0.02
N MET A 200 -6.74 12.07 0.17
CA MET A 200 -7.65 12.47 -0.94
C MET A 200 -7.33 11.71 -2.21
N GLY A 201 -7.23 10.38 -2.12
CA GLY A 201 -6.90 9.53 -3.26
C GLY A 201 -5.71 9.90 -4.12
N ILE A 202 -4.78 10.70 -3.60
CA ILE A 202 -3.53 11.05 -4.30
C ILE A 202 -2.60 9.82 -4.41
N GLY A 203 -2.24 9.49 -5.65
CA GLY A 203 -1.52 8.24 -5.95
C GLY A 203 -0.23 8.06 -5.19
N GLY A 204 0.55 9.14 -5.08
CA GLY A 204 1.80 9.11 -4.33
C GLY A 204 1.62 8.89 -2.84
N SER A 205 0.40 9.11 -2.32
CA SER A 205 0.11 8.83 -0.90
C SER A 205 -0.33 7.39 -0.67
N ILE A 206 -0.47 6.62 -1.75
CA ILE A 206 -0.70 5.17 -1.59
C ILE A 206 0.70 4.56 -1.57
N VAL A 207 1.29 4.47 -0.38
CA VAL A 207 2.72 4.26 -0.27
C VAL A 207 3.05 2.82 -0.70
N ASN A 208 4.04 2.71 -1.58
CA ASN A 208 4.49 1.41 -2.10
C ASN A 208 5.78 0.97 -1.41
N PRO A 209 5.69 0.01 -0.47
CA PRO A 209 6.91 -0.37 0.24
C PRO A 209 7.94 -1.09 -0.65
N ASP A 210 7.48 -1.86 -1.64
CA ASP A 210 8.39 -2.49 -2.63
C ASP A 210 9.34 -1.48 -3.27
N PHE A 211 8.84 -0.28 -3.57
CA PHE A 211 9.69 0.75 -4.16
C PHE A 211 10.80 1.15 -3.21
N PHE A 212 10.42 1.52 -1.99
CA PHE A 212 11.42 1.87 -0.95
C PHE A 212 12.44 0.79 -0.67
N GLN A 213 11.93 -0.42 -0.44
CA GLN A 213 12.76 -1.58 -0.18
C GLN A 213 13.68 -1.94 -1.35
N GLU A 214 13.14 -2.06 -2.56
CA GLU A 214 13.91 -2.59 -3.69
C GLU A 214 14.87 -1.57 -4.27
N TYR A 215 14.42 -0.32 -4.41
CA TYR A 215 15.21 0.69 -5.10
C TYR A 215 16.12 1.44 -4.17
N LEU A 216 15.66 1.71 -2.94
CA LEU A 216 16.31 2.70 -2.07
C LEU A 216 17.00 2.07 -0.86
N GLY A 217 16.77 0.78 -0.65
CA GLY A 217 17.29 0.11 0.55
C GLY A 217 16.59 0.61 1.83
N MET A 218 15.38 1.15 1.69
CA MET A 218 14.67 1.81 2.79
C MET A 218 13.51 1.00 3.40
N ARG A 219 13.26 1.26 4.68
CA ARG A 219 12.17 0.63 5.43
C ARG A 219 10.96 1.58 5.41
N ASN A 220 9.77 1.05 5.69
CA ASN A 220 8.59 1.91 5.82
C ASN A 220 7.96 1.83 7.18
N GLU A 221 7.80 3.00 7.81
CA GLU A 221 7.15 3.07 9.11
C GLU A 221 5.84 3.84 8.97
N SER A 222 5.00 3.70 9.98
CA SER A 222 3.66 4.16 9.84
C SER A 222 2.99 4.39 11.19
N VAL A 223 2.27 5.48 11.26
CA VAL A 223 1.63 5.91 12.48
C VAL A 223 0.32 6.57 12.09
N ASP A 224 -0.77 6.17 12.74
CA ASP A 224 -2.07 6.82 12.51
C ASP A 224 -2.00 8.21 13.14
N MET A 225 -2.65 9.20 12.54
CA MET A 225 -2.58 10.56 13.08
C MET A 225 -3.14 10.70 14.52
N THR A 226 -3.96 9.74 14.96
CA THR A 226 -4.38 9.68 16.36
C THR A 226 -3.18 9.84 17.32
N GLU A 227 -2.00 9.39 16.90
CA GLU A 227 -0.83 9.52 17.75
C GLU A 227 -0.58 10.97 18.19
N PHE A 228 -0.86 11.93 17.32
CA PHE A 228 -0.68 13.33 17.67
C PHE A 228 -1.59 13.70 18.84
N THR A 229 -2.86 13.33 18.72
CA THR A 229 -3.84 13.61 19.73
C THR A 229 -3.45 12.97 21.09
N ARG A 230 -3.07 11.71 21.04
CA ARG A 230 -2.58 10.99 22.20
C ARG A 230 -1.47 11.77 22.89
N ARG A 231 -0.45 12.15 22.11
CA ARG A 231 0.69 12.85 22.65
C ARG A 231 0.31 14.24 23.19
N MET A 232 -0.62 14.90 22.54
CA MET A 232 -1.12 16.17 23.07
C MET A 232 -1.94 15.98 24.34
N ASP A 233 -2.89 15.04 24.32
CA ASP A 233 -3.72 14.84 25.50
C ASP A 233 -2.92 14.42 26.73
N ARG A 234 -1.83 13.69 26.52
CA ARG A 234 -1.13 13.06 27.64
C ARG A 234 0.19 13.73 27.93
N GLY A 235 0.48 14.85 27.27
CA GLY A 235 1.71 15.59 27.49
C GLY A 235 2.97 14.84 27.08
N ILE A 236 2.93 14.17 25.93
CA ILE A 236 4.13 13.49 25.44
C ILE A 236 4.89 14.40 24.46
N TYR A 237 5.50 15.44 25.03
CA TYR A 237 6.34 16.39 24.29
C TYR A 237 7.03 17.19 25.38
N ASP A 238 7.96 18.03 25.01
CA ASP A 238 8.80 18.68 25.98
C ASP A 238 8.20 20.02 26.42
N PRO A 239 7.68 20.09 27.66
CA PRO A 239 6.96 21.31 28.10
C PRO A 239 7.86 22.56 28.19
N GLU A 240 9.13 22.36 28.52
CA GLU A 240 10.10 23.44 28.50
C GLU A 240 10.34 23.97 27.11
N GLU A 241 10.46 23.06 26.14
CA GLU A 241 10.63 23.50 24.77
C GLU A 241 9.38 24.27 24.34
N PHE A 242 8.21 23.74 24.68
CA PHE A 242 6.99 24.40 24.28
C PHE A 242 6.99 25.89 24.67
N GLU A 243 7.28 26.19 25.93
CA GLU A 243 7.33 27.58 26.41
C GLU A 243 8.35 28.42 25.64
N ARG A 244 9.52 27.87 25.34
CA ARG A 244 10.49 28.60 24.52
C ARG A 244 9.96 28.80 23.09
N ALA A 245 9.23 27.82 22.58
CA ALA A 245 8.69 27.87 21.23
C ALA A 245 7.60 28.94 21.13
N LEU A 246 6.68 28.92 22.08
CA LEU A 246 5.59 29.88 22.14
C LEU A 246 6.11 31.33 22.14
N LYS A 247 7.10 31.57 22.97
CA LYS A 247 7.74 32.87 23.09
C LYS A 247 8.46 33.24 21.79
N TRP A 248 9.23 32.30 21.22
CA TRP A 248 9.90 32.54 19.92
C TRP A 248 8.92 32.84 18.77
N VAL A 249 7.85 32.05 18.67
CA VAL A 249 6.81 32.21 17.66
C VAL A 249 6.15 33.60 17.76
N LYS A 250 5.76 34.00 18.97
CA LYS A 250 5.19 35.35 19.18
C LYS A 250 6.12 36.47 18.70
N GLU A 251 7.42 36.28 18.90
CA GLU A 251 8.38 37.30 18.54
C GLU A 251 8.71 37.28 17.05
N ASN A 252 8.66 36.10 16.41
CA ASN A 252 9.18 35.94 15.05
C ASN A 252 8.16 35.67 13.95
N VAL A 253 7.05 35.06 14.31
CA VAL A 253 6.03 34.64 13.36
C VAL A 253 4.90 35.68 13.30
N LYS A 254 4.75 36.31 12.13
CA LYS A 254 3.70 37.30 11.89
C LYS A 254 2.48 36.62 11.28
N GLU A 255 1.38 36.60 12.05
CA GLU A 255 0.09 36.13 11.57
C GLU A 255 -0.35 36.97 10.37
N GLY A 256 -0.96 36.36 9.35
CA GLY A 256 -1.31 37.08 8.11
C GLY A 256 -2.78 37.46 8.01
N PHE A 257 -3.16 37.96 6.84
CA PHE A 257 -4.52 38.40 6.56
C PHE A 257 -5.52 37.25 6.53
N ASP A 258 -6.63 37.43 7.26
CA ASP A 258 -7.65 36.40 7.35
C ASP A 258 -8.62 36.54 6.18
N HIS A 259 -8.57 35.62 5.22
CA HIS A 259 -9.45 35.62 4.06
C HIS A 259 -10.80 34.98 4.36
N ASN A 260 -11.02 34.49 5.59
CA ASN A 260 -12.23 33.74 5.84
C ASN A 260 -13.50 34.57 5.79
N ARG A 261 -14.55 33.99 5.21
CA ARG A 261 -15.84 34.66 5.19
C ARG A 261 -16.36 34.82 6.62
N GLU A 262 -17.27 35.77 6.82
CA GLU A 262 -17.60 36.28 8.14
C GLU A 262 -17.86 35.22 9.19
N ASP A 263 -18.73 34.25 8.92
CA ASP A 263 -19.10 33.25 9.92
C ASP A 263 -18.06 32.15 10.15
N LEU A 264 -16.98 32.15 9.36
CA LEU A 264 -15.94 31.17 9.54
C LEU A 264 -14.73 31.75 10.28
N VAL A 265 -14.62 33.08 10.30
CA VAL A 265 -13.51 33.76 10.99
C VAL A 265 -13.46 33.33 12.44
N LEU A 266 -12.28 32.92 12.92
CA LEU A 266 -12.15 32.51 14.32
C LEU A 266 -11.87 33.72 15.23
N SER A 267 -12.18 33.57 16.51
CA SER A 267 -11.90 34.63 17.48
C SER A 267 -10.40 34.72 17.77
N ARG A 268 -9.97 35.84 18.32
CA ARG A 268 -8.58 35.99 18.75
C ARG A 268 -8.21 34.86 19.73
N GLU A 269 -9.10 34.54 20.68
CA GLU A 269 -8.82 33.49 21.66
C GLU A 269 -8.56 32.16 20.94
N GLU A 270 -9.50 31.77 20.08
CA GLU A 270 -9.41 30.48 19.43
C GLU A 270 -8.18 30.39 18.51
N LYS A 271 -7.82 31.49 17.84
CA LYS A 271 -6.58 31.56 17.06
C LYS A 271 -5.33 31.37 17.92
N ASP A 272 -5.30 32.00 19.10
CA ASP A 272 -4.19 31.81 20.02
C ASP A 272 -4.03 30.37 20.50
N ARG A 273 -5.14 29.70 20.75
CA ARG A 273 -5.10 28.27 21.09
C ARG A 273 -4.52 27.44 19.95
N GLN A 274 -4.94 27.77 18.74
CA GLN A 274 -4.50 27.09 17.55
C GLN A 274 -3.02 27.28 17.28
N TRP A 275 -2.50 28.46 17.62
CA TRP A 275 -1.06 28.70 17.57
C TRP A 275 -0.32 27.74 18.49
N GLU A 276 -0.87 27.48 19.67
CA GLU A 276 -0.22 26.59 20.63
C GLU A 276 -0.26 25.15 20.10
N PHE A 277 -1.38 24.79 19.49
CA PHE A 277 -1.61 23.48 18.91
C PHE A 277 -0.61 23.19 17.77
N VAL A 278 -0.43 24.11 16.82
CA VAL A 278 0.43 23.83 15.67
C VAL A 278 1.90 23.77 16.08
N ILE A 279 2.24 24.45 17.16
CA ILE A 279 3.60 24.38 17.67
C ILE A 279 3.86 22.97 18.23
N LYS A 280 2.89 22.47 19.00
CA LYS A 280 3.01 21.12 19.52
C LYS A 280 3.01 20.08 18.39
N MET A 281 2.23 20.34 17.32
CA MET A 281 2.25 19.51 16.15
C MET A 281 3.68 19.39 15.62
N PHE A 282 4.32 20.54 15.42
CA PHE A 282 5.65 20.53 14.88
C PHE A 282 6.59 19.67 15.72
N MET A 283 6.47 19.84 17.05
CA MET A 283 7.34 19.16 18.00
C MET A 283 7.14 17.63 17.91
N ILE A 284 5.87 17.22 17.88
CA ILE A 284 5.50 15.82 17.83
C ILE A 284 5.94 15.21 16.50
N GLY A 285 5.75 15.94 15.42
CA GLY A 285 6.17 15.48 14.10
C GLY A 285 7.66 15.17 14.09
N ARG A 286 8.43 16.13 14.58
CA ARG A 286 9.87 16.02 14.63
C ARG A 286 10.32 14.87 15.57
N ASP A 287 9.69 14.78 16.75
CA ASP A 287 9.96 13.70 17.70
C ASP A 287 9.65 12.32 17.11
N LEU A 288 8.55 12.23 16.37
CA LEU A 288 8.20 11.00 15.69
C LEU A 288 9.28 10.56 14.70
N MET A 289 9.84 11.50 13.94
CA MET A 289 10.79 11.19 12.91
C MET A 289 12.13 10.71 13.49
N VAL A 290 12.70 11.45 14.43
CA VAL A 290 14.09 11.23 14.81
C VAL A 290 14.27 10.87 16.28
N GLY A 291 13.17 10.74 17.02
CA GLY A 291 13.26 10.52 18.47
C GLY A 291 13.68 11.80 19.19
N ASN A 292 13.81 11.71 20.51
CA ASN A 292 14.09 12.86 21.38
C ASN A 292 14.44 12.39 22.79
N PRO A 293 15.69 12.62 23.22
CA PRO A 293 16.19 12.21 24.57
C PRO A 293 15.31 12.75 25.70
N ARG A 294 14.81 13.98 25.54
CA ARG A 294 13.99 14.61 26.56
C ARG A 294 12.76 13.79 26.91
N LEU A 295 12.17 13.12 25.92
CA LEU A 295 10.99 12.27 26.18
C LEU A 295 11.30 11.10 27.13
N ALA A 296 12.52 10.56 27.03
CA ALA A 296 12.97 9.50 27.96
C ALA A 296 13.08 10.04 29.38
N GLU A 297 13.67 11.24 29.51
CA GLU A 297 13.66 11.95 30.81
C GLU A 297 12.28 12.20 31.40
N LEU A 298 11.27 12.40 30.56
CA LEU A 298 9.93 12.71 31.03
C LEU A 298 9.14 11.44 31.31
N GLY A 299 9.78 10.29 31.11
CA GLY A 299 9.16 9.00 31.44
C GLY A 299 8.45 8.34 30.29
N PHE A 300 8.81 8.73 29.07
CA PHE A 300 8.19 8.15 27.88
C PHE A 300 9.28 7.50 27.06
N GLU A 301 9.83 6.43 27.61
CA GLU A 301 11.03 5.83 27.03
C GLU A 301 10.74 5.25 25.66
N GLU A 302 9.55 4.71 25.45
CA GLU A 302 9.25 4.11 24.17
C GLU A 302 9.22 5.17 23.05
N GLU A 303 8.50 6.27 23.28
CA GLU A 303 8.35 7.36 22.32
C GLU A 303 9.66 8.07 22.03
N ALA A 304 10.63 7.98 22.96
CA ALA A 304 11.92 8.66 22.82
C ALA A 304 12.74 8.21 21.60
N VAL A 305 12.53 6.99 21.11
CA VAL A 305 13.38 6.50 20.02
C VAL A 305 13.00 7.00 18.63
N GLY A 306 11.73 7.26 18.39
CA GLY A 306 11.30 7.74 17.09
C GLY A 306 11.21 6.61 16.08
N HIS A 307 11.20 6.96 14.78
CA HIS A 307 10.94 5.98 13.74
C HIS A 307 12.04 5.89 12.70
N HIS A 308 13.22 6.48 13.01
CA HIS A 308 14.40 6.36 12.17
C HIS A 308 14.13 6.92 10.76
N ALA A 309 13.39 8.03 10.69
CA ALA A 309 12.91 8.56 9.42
C ALA A 309 13.87 9.58 8.83
N LEU A 310 14.48 9.26 7.70
CA LEU A 310 15.23 10.26 6.93
C LEU A 310 14.24 11.18 6.16
N VAL A 311 13.00 10.74 6.02
CA VAL A 311 12.00 11.49 5.30
C VAL A 311 10.65 10.99 5.83
N ALA A 312 9.61 11.85 5.72
CA ALA A 312 8.28 11.49 6.20
C ALA A 312 7.20 12.40 5.59
N GLY A 313 5.94 12.04 5.86
CA GLY A 313 4.82 12.81 5.40
C GLY A 313 3.66 12.80 6.37
N PHE A 314 2.78 13.78 6.21
CA PHE A 314 1.55 13.94 7.01
C PHE A 314 0.38 13.93 6.05
N GLN A 315 -0.51 12.95 6.18
CA GLN A 315 -1.69 12.83 5.33
C GLN A 315 -2.53 14.11 5.39
N GLY A 316 -2.93 14.49 6.61
CA GLY A 316 -3.72 15.70 6.86
C GLY A 316 -5.16 15.57 6.39
N GLN A 317 -5.41 16.06 5.17
CA GLN A 317 -6.73 15.95 4.52
C GLN A 317 -7.13 14.48 4.26
N ARG A 318 -8.40 14.12 4.38
CA ARG A 318 -9.49 14.98 4.85
C ARG A 318 -9.74 14.83 6.36
N GLN A 319 -9.46 13.65 6.91
CA GLN A 319 -9.98 13.32 8.23
C GLN A 319 -9.47 14.20 9.37
N TRP A 320 -8.19 14.53 9.32
CA TRP A 320 -7.58 15.33 10.38
C TRP A 320 -7.89 16.82 10.21
N THR A 321 -7.72 17.34 8.99
CA THR A 321 -7.94 18.77 8.71
C THR A 321 -9.43 19.17 8.80
N ASP A 322 -10.33 18.21 8.61
CA ASP A 322 -11.73 18.44 8.90
C ASP A 322 -11.98 18.75 10.39
N HIS A 323 -11.06 18.39 11.27
CA HIS A 323 -11.33 18.48 12.70
C HIS A 323 -10.37 19.38 13.46
N PHE A 324 -9.08 19.25 13.19
CA PHE A 324 -8.03 19.90 13.97
C PHE A 324 -7.25 20.85 13.08
N PRO A 325 -6.47 21.77 13.70
CA PRO A 325 -5.60 22.67 12.92
C PRO A 325 -4.70 21.91 11.93
N ASN A 326 -4.52 22.48 10.74
CA ASN A 326 -3.84 21.76 9.68
C ASN A 326 -2.33 21.60 9.87
N GLY A 327 -1.71 20.85 8.96
CA GLY A 327 -0.27 20.55 9.04
C GLY A 327 0.68 21.62 8.54
N ASP A 328 0.15 22.74 8.04
CA ASP A 328 0.98 23.76 7.38
C ASP A 328 2.18 24.25 8.19
N PHE A 329 1.90 24.57 9.45
CA PHE A 329 2.96 25.08 10.29
C PHE A 329 4.03 23.99 10.50
N MET A 330 3.59 22.81 10.88
CA MET A 330 4.51 21.69 11.04
C MET A 330 5.33 21.44 9.77
N GLU A 331 4.66 21.42 8.62
CA GLU A 331 5.34 21.11 7.35
C GLU A 331 6.34 22.15 6.96
N THR A 332 5.94 23.41 7.14
CA THR A 332 6.79 24.52 6.79
C THR A 332 8.04 24.42 7.64
N PHE A 333 7.85 24.29 8.96
CA PHE A 333 9.02 24.35 9.80
C PHE A 333 9.94 23.11 9.76
N LEU A 334 9.40 21.92 9.56
CA LEU A 334 10.29 20.76 9.36
C LEU A 334 11.21 21.01 8.15
N ASN A 335 10.65 21.63 7.10
CA ASN A 335 11.38 21.81 5.86
C ASN A 335 12.29 23.02 5.90
N THR A 336 12.13 23.82 6.95
CA THR A 336 12.88 25.06 7.13
C THR A 336 14.12 24.80 7.98
N GLN A 337 15.19 25.52 7.71
CA GLN A 337 16.47 25.30 8.38
C GLN A 337 16.70 26.06 9.70
N PHE A 338 15.63 26.37 10.44
CA PHE A 338 15.76 26.96 11.78
C PHE A 338 14.42 26.89 12.48
N ASP A 339 14.47 27.06 13.80
CA ASP A 339 13.28 27.30 14.63
C ASP A 339 13.80 27.91 15.95
N TRP A 340 12.98 27.90 16.99
CA TRP A 340 13.40 28.34 18.33
C TRP A 340 14.62 27.61 18.92
N ASN A 341 14.96 26.46 18.39
CA ASN A 341 16.16 25.75 18.87
C ASN A 341 17.45 26.12 18.09
N GLY A 342 17.35 27.06 17.15
CA GLY A 342 18.51 27.48 16.38
C GLY A 342 18.51 27.04 14.92
N ILE A 343 19.54 27.43 14.18
CA ILE A 343 19.74 27.00 12.81
C ILE A 343 20.11 25.51 12.75
N ARG A 344 19.58 24.78 11.76
CA ARG A 344 19.72 23.32 11.72
C ARG A 344 19.41 22.75 10.33
N LYS A 345 19.75 21.49 10.17
CA LYS A 345 19.34 20.73 9.02
C LYS A 345 17.80 20.69 8.91
N PRO A 346 17.30 20.53 7.67
CA PRO A 346 15.86 20.35 7.55
C PRO A 346 15.50 18.89 7.81
N PHE A 347 14.23 18.61 8.08
CA PHE A 347 13.73 17.26 8.13
C PHE A 347 12.85 17.17 6.90
N VAL A 348 13.24 16.34 5.94
CA VAL A 348 12.60 16.31 4.62
C VAL A 348 11.18 15.80 4.81
N PHE A 349 10.21 16.60 4.39
CA PHE A 349 8.82 16.32 4.78
C PHE A 349 7.78 16.64 3.71
N ALA A 350 6.89 15.66 3.50
CA ALA A 350 5.92 15.67 2.43
C ALA A 350 4.51 16.04 2.90
N THR A 351 3.96 17.07 2.28
CA THR A 351 2.56 17.40 2.42
C THR A 351 1.72 16.29 1.83
N GLU A 352 0.55 16.09 2.44
CA GLU A 352 -0.45 15.13 1.98
C GLU A 352 0.09 13.72 1.90
N ASN A 353 1.09 13.43 2.75
CA ASN A 353 1.79 12.17 2.74
C ASN A 353 2.18 11.71 1.31
N ASP A 354 2.52 12.65 0.44
CA ASP A 354 2.93 12.29 -0.91
C ASP A 354 4.35 11.74 -0.88
N SER A 355 4.42 10.43 -0.64
CA SER A 355 5.71 9.76 -0.42
C SER A 355 6.64 9.88 -1.61
N LEU A 356 6.08 9.97 -2.81
CA LEU A 356 6.89 10.10 -4.03
C LEU A 356 7.48 11.51 -4.14
N ASN A 357 6.73 12.53 -3.70
CA ASN A 357 7.30 13.87 -3.67
C ASN A 357 8.36 13.96 -2.59
N GLY A 358 8.10 13.31 -1.46
CA GLY A 358 9.07 13.22 -0.36
C GLY A 358 10.41 12.66 -0.85
N VAL A 359 10.34 11.56 -1.58
CA VAL A 359 11.55 10.98 -2.13
C VAL A 359 12.18 11.86 -3.22
N SER A 360 11.36 12.47 -4.05
CA SER A 360 11.88 13.44 -5.01
C SER A 360 12.66 14.57 -4.27
N MET A 361 12.08 15.08 -3.19
CA MET A 361 12.77 16.09 -2.38
C MET A 361 14.04 15.49 -1.78
N LEU A 362 13.94 14.25 -1.29
CA LEU A 362 15.10 13.60 -0.69
C LEU A 362 16.29 13.50 -1.65
N PHE A 363 16.01 13.09 -2.89
CA PHE A 363 17.07 13.03 -3.92
C PHE A 363 17.79 14.37 -4.00
N ASN A 364 17.01 15.44 -4.20
CA ASN A 364 17.54 16.79 -4.32
C ASN A 364 18.35 17.20 -3.07
N TYR A 365 17.78 16.93 -1.90
CA TYR A 365 18.39 17.26 -0.64
C TYR A 365 19.74 16.56 -0.50
N LEU A 366 19.80 15.24 -0.72
CA LEU A 366 21.04 14.50 -0.51
C LEU A 366 22.11 14.86 -1.51
N LEU A 367 21.73 15.38 -2.67
CA LEU A 367 22.73 15.76 -3.66
C LEU A 367 23.32 17.15 -3.43
N THR A 368 22.63 17.97 -2.62
CA THR A 368 22.93 19.41 -2.52
C THR A 368 23.14 19.90 -1.09
N ASN A 369 22.67 19.13 -0.10
CA ASN A 369 22.62 19.60 1.28
C ASN A 369 21.81 20.93 1.42
N THR A 370 20.81 21.13 0.57
CA THR A 370 19.93 22.29 0.65
C THR A 370 18.44 21.89 0.84
N PRO A 371 17.68 22.73 1.57
CA PRO A 371 16.25 22.46 1.84
C PRO A 371 15.42 22.47 0.54
N GLN A 372 14.21 21.92 0.60
CA GLN A 372 13.48 21.59 -0.63
C GLN A 372 12.09 22.15 -0.64
N ILE A 373 11.68 22.72 -1.77
CA ILE A 373 10.34 23.24 -1.96
C ILE A 373 9.43 22.09 -2.41
N PHE A 374 8.33 21.91 -1.66
CA PHE A 374 7.18 21.07 -2.05
C PHE A 374 6.14 21.99 -2.71
N ALA A 375 5.70 21.69 -3.92
CA ALA A 375 4.69 22.54 -4.59
C ALA A 375 3.71 21.80 -5.47
N ASP A 376 2.47 22.25 -5.45
CA ASP A 376 1.55 21.95 -6.53
C ASP A 376 1.99 22.66 -7.80
N VAL A 377 1.92 21.93 -8.91
CA VAL A 377 2.10 22.52 -10.22
C VAL A 377 0.73 23.02 -10.62
N ARG A 378 0.42 24.23 -10.20
CA ARG A 378 -0.94 24.74 -10.18
C ARG A 378 -1.45 25.20 -11.55
N THR A 379 -0.67 26.03 -12.24
CA THR A 379 -1.19 26.61 -13.48
C THR A 379 -0.08 26.74 -14.50
N TYR A 380 -0.41 26.51 -15.76
CA TYR A 380 0.44 27.02 -16.83
C TYR A 380 -0.14 28.35 -17.38
N TRP A 381 0.68 29.41 -17.33
CA TRP A 381 0.34 30.72 -17.87
C TRP A 381 0.99 30.94 -19.24
N SER A 382 0.19 30.93 -20.30
CA SER A 382 0.72 31.20 -21.63
C SER A 382 0.91 32.73 -21.77
N PRO A 383 1.82 33.18 -22.68
CA PRO A 383 1.93 34.62 -23.00
C PRO A 383 0.56 35.21 -23.35
N GLU A 384 -0.22 34.48 -24.15
CA GLU A 384 -1.60 34.88 -24.49
C GLU A 384 -2.51 35.06 -23.27
N ALA A 385 -2.50 34.13 -22.32
CA ALA A 385 -3.42 34.26 -21.19
C ALA A 385 -3.01 35.42 -20.27
N VAL A 386 -1.71 35.66 -20.15
CA VAL A 386 -1.20 36.77 -19.33
C VAL A 386 -1.61 38.14 -19.91
N LYS A 387 -1.51 38.27 -21.23
CA LYS A 387 -1.91 39.44 -21.98
C LYS A 387 -3.42 39.72 -21.80
N ARG A 388 -4.28 38.73 -22.03
CA ARG A 388 -5.73 38.90 -21.85
C ARG A 388 -6.05 39.32 -20.42
N VAL A 389 -5.51 38.59 -19.46
CA VAL A 389 -5.78 38.87 -18.05
C VAL A 389 -5.13 40.16 -17.50
N THR A 390 -3.95 40.55 -17.99
CA THR A 390 -3.19 41.65 -17.35
C THR A 390 -2.81 42.80 -18.27
N GLY A 391 -2.85 42.59 -19.59
CA GLY A 391 -2.45 43.62 -20.55
C GLY A 391 -0.96 43.58 -20.80
N HIS A 392 -0.22 42.83 -19.99
CA HIS A 392 1.25 42.77 -20.07
C HIS A 392 1.78 41.71 -21.05
N THR A 393 2.73 42.11 -21.88
CA THR A 393 3.47 41.21 -22.77
C THR A 393 4.72 40.68 -22.04
N LEU A 394 4.81 39.36 -21.89
CA LEU A 394 5.90 38.76 -21.09
C LEU A 394 7.24 38.96 -21.78
N GLU A 395 8.28 39.24 -21.01
CA GLU A 395 9.62 39.36 -21.59
C GLU A 395 10.69 38.64 -20.76
N GLY A 396 11.91 38.58 -21.32
CA GLY A 396 13.02 37.89 -20.64
C GLY A 396 12.74 36.41 -20.53
N ARG A 397 13.18 35.83 -19.41
CA ARG A 397 13.00 34.43 -19.11
C ARG A 397 11.54 34.02 -19.07
N ALA A 398 10.64 34.97 -18.81
CA ALA A 398 9.23 34.64 -18.69
C ALA A 398 8.53 34.65 -20.04
N ALA A 399 9.26 35.00 -21.10
CA ALA A 399 8.63 35.33 -22.37
C ALA A 399 7.87 34.17 -23.01
N ALA A 400 8.26 32.93 -22.73
CA ALA A 400 7.63 31.74 -23.35
C ALA A 400 6.51 31.17 -22.48
N GLY A 401 6.13 31.89 -21.43
CA GLY A 401 5.16 31.38 -20.49
C GLY A 401 5.83 30.80 -19.27
N PHE A 402 5.06 30.32 -18.31
CA PHE A 402 5.68 29.87 -17.06
C PHE A 402 4.67 29.10 -16.24
N LEU A 403 5.13 28.50 -15.16
CA LEU A 403 4.24 27.69 -14.32
C LEU A 403 4.08 28.36 -12.96
N HIS A 404 2.87 28.27 -12.40
CA HIS A 404 2.64 28.72 -11.04
C HIS A 404 2.90 27.54 -10.13
N LEU A 405 3.97 27.61 -9.34
CA LEU A 405 4.28 26.59 -8.35
C LEU A 405 3.87 27.10 -6.98
N ILE A 406 2.90 26.42 -6.38
CA ILE A 406 2.29 26.88 -5.15
C ILE A 406 1.72 25.70 -4.37
N ASN A 407 2.33 25.38 -3.23
CA ASN A 407 1.77 24.36 -2.34
C ASN A 407 0.51 24.81 -1.58
N SER A 408 -0.32 23.85 -1.16
CA SER A 408 -1.56 24.14 -0.46
C SER A 408 -1.40 24.55 0.99
N GLY A 409 -0.46 25.45 1.27
CA GLY A 409 -0.28 25.99 2.62
C GLY A 409 1.12 26.07 3.23
N SER A 410 2.04 25.19 2.84
CA SER A 410 3.33 25.10 3.50
C SER A 410 4.47 25.10 2.51
N CYS A 411 5.60 25.61 2.95
CA CYS A 411 6.80 25.55 2.14
C CYS A 411 8.00 25.93 3.00
N THR A 412 9.16 25.37 2.67
CA THR A 412 10.39 25.76 3.38
C THR A 412 10.55 27.28 3.32
N LEU A 413 10.84 27.91 4.45
CA LEU A 413 11.06 29.35 4.46
C LEU A 413 12.30 29.72 3.68
N ASP A 414 13.28 28.81 3.63
CA ASP A 414 14.43 29.02 2.74
C ASP A 414 13.95 29.26 1.29
N GLY A 415 12.73 28.80 0.98
CA GLY A 415 12.13 28.96 -0.35
C GLY A 415 11.80 30.41 -0.75
N THR A 416 11.83 31.31 0.22
CA THR A 416 11.79 32.75 -0.07
C THR A 416 12.91 33.21 -0.99
N GLY A 417 14.03 32.50 -0.98
CA GLY A 417 15.18 32.89 -1.79
C GLY A 417 15.90 34.07 -1.19
N GLN A 418 15.66 34.31 0.10
CA GLN A 418 16.24 35.46 0.80
C GLN A 418 17.72 35.29 1.12
N ALA A 419 18.23 34.06 1.20
CA ALA A 419 19.68 33.89 1.33
C ALA A 419 20.32 34.37 0.03
N THR A 420 21.58 34.78 0.12
CA THR A 420 22.18 35.53 -0.98
C THR A 420 23.62 35.11 -1.15
N ARG A 421 24.03 34.94 -2.40
CA ARG A 421 25.45 34.80 -2.70
C ARG A 421 25.78 35.63 -3.92
N ASP A 422 26.83 36.45 -3.81
CA ASP A 422 27.21 37.40 -4.87
C ASP A 422 26.06 38.26 -5.30
N GLY A 423 25.21 38.66 -4.36
CA GLY A 423 24.02 39.43 -4.65
C GLY A 423 23.01 38.69 -5.54
N LYS A 424 22.99 37.37 -5.47
CA LYS A 424 22.01 36.58 -6.20
C LYS A 424 21.28 35.70 -5.21
N PRO A 425 19.97 35.50 -5.41
CA PRO A 425 19.20 34.69 -4.45
C PRO A 425 19.58 33.20 -4.54
N ILE A 426 19.65 32.55 -3.40
CA ILE A 426 19.98 31.12 -3.35
C ILE A 426 19.34 30.46 -2.16
N MET A 427 19.46 29.13 -2.12
CA MET A 427 19.15 28.36 -0.92
C MET A 427 20.45 27.67 -0.54
N LYS A 428 20.73 27.67 0.76
CA LYS A 428 22.04 27.32 1.28
C LYS A 428 21.97 26.13 2.20
N PRO A 429 23.08 25.40 2.32
CA PRO A 429 23.13 24.46 3.46
C PRO A 429 23.14 25.26 4.74
N PHE A 430 22.50 24.71 5.77
CA PHE A 430 22.29 25.40 7.03
C PHE A 430 23.55 26.01 7.66
N TRP A 431 24.71 25.39 7.48
CA TRP A 431 25.91 25.90 8.16
C TRP A 431 26.45 27.14 7.45
N GLU A 432 25.87 27.49 6.31
CA GLU A 432 26.27 28.72 5.62
C GLU A 432 25.24 29.84 5.85
N LEU A 433 24.15 29.55 6.53
CA LEU A 433 23.14 30.58 6.73
C LEU A 433 23.63 31.63 7.69
N GLU A 434 23.61 32.89 7.26
CA GLU A 434 23.82 34.01 8.18
C GLU A 434 22.53 34.44 8.85
N GLU A 435 22.68 34.96 10.07
CA GLU A 435 21.60 35.51 10.89
C GLU A 435 20.69 36.52 10.17
N SER A 436 21.29 37.41 9.40
CA SER A 436 20.51 38.36 8.66
C SER A 436 19.67 37.67 7.56
N GLU A 437 20.15 36.55 7.04
CA GLU A 437 19.39 35.83 6.01
C GLU A 437 18.13 35.20 6.61
N VAL A 438 18.31 34.57 7.77
CA VAL A 438 17.22 34.01 8.54
C VAL A 438 16.18 35.08 8.92
N GLN A 439 16.67 36.25 9.36
CA GLN A 439 15.80 37.34 9.73
C GLN A 439 15.00 37.81 8.50
N ALA A 440 15.69 37.96 7.37
CA ALA A 440 15.03 38.33 6.11
C ALA A 440 13.96 37.31 5.64
N MET A 441 14.17 36.03 5.92
CA MET A 441 13.20 34.98 5.59
C MET A 441 11.93 35.18 6.40
N LEU A 442 12.10 35.43 7.69
CA LEU A 442 10.97 35.66 8.56
C LEU A 442 10.26 36.97 8.20
N GLU A 443 11.03 38.02 8.01
CA GLU A 443 10.44 39.31 7.67
C GLU A 443 9.61 39.25 6.41
N ASN A 444 9.97 38.37 5.47
CA ASN A 444 9.27 38.31 4.21
C ASN A 444 8.20 37.22 4.13
N THR A 445 7.83 36.71 5.30
CA THR A 445 6.83 35.67 5.40
C THR A 445 5.72 36.09 6.33
N ASP A 446 4.55 35.61 5.97
CA ASP A 446 3.27 35.84 6.58
C ASP A 446 2.64 34.52 6.92
N PHE A 447 1.81 34.46 7.95
CA PHE A 447 1.07 33.23 8.20
C PHE A 447 -0.46 33.42 8.28
N PRO A 448 -1.14 33.49 7.11
CA PRO A 448 -2.61 33.66 7.09
C PRO A 448 -3.33 32.48 7.74
N PRO A 449 -4.39 32.77 8.52
CA PRO A 449 -5.23 31.66 9.02
C PRO A 449 -5.65 30.73 7.89
N ALA A 450 -5.83 29.45 8.19
CA ALA A 450 -6.20 28.46 7.18
C ALA A 450 -7.57 28.81 6.64
N ASN A 451 -7.79 28.48 5.37
CA ASN A 451 -9.11 28.67 4.76
C ASN A 451 -10.07 27.59 5.25
N ARG A 452 -11.08 28.00 6.01
CA ARG A 452 -11.89 27.03 6.75
C ARG A 452 -13.00 26.33 5.95
N GLU A 453 -13.16 26.73 4.70
CA GLU A 453 -14.00 25.99 3.77
C GLU A 453 -13.29 24.71 3.28
N TYR A 454 -11.97 24.75 3.32
CA TYR A 454 -11.12 23.62 2.96
C TYR A 454 -10.57 22.92 4.20
N PHE A 455 -10.24 23.71 5.23
CA PHE A 455 -9.57 23.26 6.44
C PHE A 455 -10.36 23.71 7.64
N ARG A 456 -11.46 23.00 7.87
CA ARG A 456 -12.40 23.33 8.90
C ARG A 456 -11.72 23.45 10.26
N GLY A 457 -10.77 22.55 10.52
CA GLY A 457 -10.05 22.51 11.79
C GLY A 457 -9.15 23.71 12.04
N GLY A 458 -8.88 24.52 11.03
CA GLY A 458 -8.06 25.72 11.20
C GLY A 458 -6.56 25.52 10.96
N GLY A 459 -5.76 26.28 11.71
CA GLY A 459 -4.34 26.36 11.46
C GLY A 459 -3.95 27.65 10.74
N PHE A 460 -2.70 27.70 10.33
CA PHE A 460 -2.14 28.85 9.66
C PHE A 460 -1.22 28.36 8.56
N SER A 461 -1.45 28.89 7.35
CA SER A 461 -0.61 28.60 6.23
C SER A 461 0.61 29.53 6.21
N THR A 462 1.45 29.37 5.20
CA THR A 462 2.71 30.10 5.05
C THR A 462 2.62 30.86 3.72
N ARG A 463 2.98 32.14 3.73
CA ARG A 463 2.86 32.96 2.53
C ARG A 463 4.08 33.83 2.31
N PHE A 464 4.65 33.67 1.13
CA PHE A 464 5.77 34.49 0.73
C PHE A 464 5.81 34.41 -0.80
N LEU A 465 6.73 35.14 -1.41
CA LEU A 465 6.96 35.07 -2.83
C LEU A 465 8.44 34.79 -3.06
N THR A 466 8.75 33.68 -3.72
CA THR A 466 10.14 33.35 -4.01
C THR A 466 10.78 34.39 -4.96
N LYS A 467 11.97 34.88 -4.63
CA LYS A 467 12.66 35.82 -5.51
C LYS A 467 12.95 35.29 -6.90
N GLY A 468 12.94 36.19 -7.87
CA GLY A 468 13.17 35.82 -9.25
C GLY A 468 14.63 35.63 -9.57
N ASP A 469 14.88 35.03 -10.72
CA ASP A 469 16.21 34.90 -11.25
C ASP A 469 17.07 33.89 -10.48
N MET A 470 16.41 33.01 -9.72
CA MET A 470 17.11 31.90 -9.06
C MET A 470 17.13 30.66 -9.95
N PRO A 471 18.33 30.13 -10.26
CA PRO A 471 18.36 28.84 -10.98
C PRO A 471 17.85 27.74 -10.05
N VAL A 472 16.92 26.93 -10.58
CA VAL A 472 16.32 25.81 -9.87
C VAL A 472 16.12 24.59 -10.78
N THR A 473 15.92 23.42 -10.13
CA THR A 473 15.54 22.19 -10.83
C THR A 473 14.26 21.69 -10.18
N MET A 474 13.25 21.44 -11.00
CA MET A 474 12.02 20.79 -10.54
C MET A 474 12.08 19.28 -10.87
N VAL A 475 11.62 18.47 -9.91
CA VAL A 475 11.91 17.04 -9.94
C VAL A 475 10.70 16.22 -9.53
N ARG A 476 10.47 15.09 -10.22
CA ARG A 476 9.39 14.17 -9.78
C ARG A 476 9.61 12.71 -10.10
N LEU A 477 9.40 11.86 -9.08
CA LEU A 477 9.32 10.42 -9.28
C LEU A 477 7.88 9.97 -9.43
N ASN A 478 7.63 9.13 -10.44
CA ASN A 478 6.32 8.52 -10.63
C ASN A 478 6.45 7.01 -10.75
N LEU A 479 5.48 6.30 -10.17
CA LEU A 479 5.43 4.87 -10.32
C LEU A 479 4.62 4.51 -11.57
N LEU A 480 5.25 3.75 -12.44
CA LEU A 480 4.60 3.27 -13.66
C LEU A 480 4.38 1.80 -13.45
N LYS A 481 3.13 1.34 -13.51
CA LYS A 481 2.86 -0.06 -13.21
C LYS A 481 3.60 -1.06 -14.10
N GLY A 482 4.20 -2.10 -13.50
CA GLY A 482 4.92 -3.12 -14.27
C GLY A 482 6.28 -2.63 -14.75
N VAL A 483 6.71 -1.44 -14.36
CA VAL A 483 8.03 -0.98 -14.69
C VAL A 483 8.71 -0.50 -13.41
N GLY A 484 7.97 0.26 -12.61
CA GLY A 484 8.51 0.87 -11.40
C GLY A 484 8.65 2.38 -11.47
N PRO A 485 9.57 2.93 -10.66
CA PRO A 485 9.78 4.36 -10.64
C PRO A 485 10.45 4.83 -11.92
N VAL A 486 9.98 5.97 -12.41
CA VAL A 486 10.68 6.68 -13.46
C VAL A 486 10.83 8.16 -13.02
N LEU A 487 11.95 8.77 -13.41
CA LEU A 487 12.29 10.11 -12.95
C LEU A 487 12.13 11.17 -14.06
N GLN A 488 11.50 12.29 -13.72
CA GLN A 488 11.51 13.45 -14.61
C GLN A 488 12.15 14.67 -13.94
N ILE A 489 12.81 15.46 -14.75
CA ILE A 489 13.69 16.55 -14.30
C ILE A 489 13.46 17.74 -15.25
N ALA A 490 13.27 18.94 -14.67
CA ALA A 490 13.16 20.16 -15.47
C ALA A 490 14.01 21.28 -14.86
N GLU A 491 15.18 21.53 -15.44
CA GLU A 491 16.02 22.66 -14.99
C GLU A 491 15.37 23.96 -15.46
N GLY A 492 15.46 25.02 -14.66
CA GLY A 492 14.89 26.31 -15.07
C GLY A 492 15.29 27.45 -14.16
N TYR A 493 14.44 28.47 -14.09
CA TYR A 493 14.70 29.69 -13.31
C TYR A 493 13.45 30.20 -12.62
N THR A 494 13.60 30.72 -11.40
CA THR A 494 12.45 31.42 -10.80
C THR A 494 12.28 32.75 -11.51
N LEU A 495 11.08 33.32 -11.45
CA LEU A 495 10.79 34.55 -12.20
C LEU A 495 10.34 35.66 -11.30
N GLU A 496 10.67 36.88 -11.67
CA GLU A 496 10.06 38.04 -11.03
C GLU A 496 9.12 38.68 -12.02
N LEU A 497 7.82 38.66 -11.76
CA LEU A 497 6.88 39.34 -12.63
C LEU A 497 6.71 40.82 -12.23
N PRO A 498 6.25 41.68 -13.17
CA PRO A 498 5.92 43.05 -12.71
C PRO A 498 4.90 42.95 -11.60
N GLU A 499 4.95 43.89 -10.67
CA GLU A 499 4.22 43.75 -9.41
C GLU A 499 2.71 43.63 -9.62
N ASP A 500 2.17 44.43 -10.53
CA ASP A 500 0.74 44.44 -10.72
C ASP A 500 0.31 43.10 -11.36
N VAL A 501 1.20 42.55 -12.20
CA VAL A 501 0.96 41.26 -12.84
C VAL A 501 0.95 40.13 -11.80
N HIS A 502 1.98 40.08 -10.96
CA HIS A 502 2.01 39.12 -9.84
C HIS A 502 0.74 39.19 -9.02
N HIS A 503 0.32 40.39 -8.66
CA HIS A 503 -0.82 40.53 -7.77
C HIS A 503 -2.11 40.06 -8.42
N THR A 504 -2.29 40.39 -9.70
CA THR A 504 -3.45 39.90 -10.42
C THR A 504 -3.45 38.36 -10.43
N LEU A 505 -2.37 37.75 -10.90
CA LEU A 505 -2.34 36.30 -11.05
C LEU A 505 -2.52 35.61 -9.69
N ASP A 506 -1.87 36.17 -8.67
CA ASP A 506 -1.93 35.66 -7.30
C ASP A 506 -3.35 35.75 -6.71
N ASN A 507 -3.94 36.95 -6.70
CA ASN A 507 -5.26 37.17 -6.08
C ASN A 507 -6.36 36.26 -6.64
N ARG A 508 -6.13 35.81 -7.86
CA ARG A 508 -7.04 34.99 -8.66
C ARG A 508 -6.82 33.47 -8.42
N THR A 509 -5.75 33.12 -7.71
CA THR A 509 -5.39 31.72 -7.50
C THR A 509 -5.57 31.29 -6.02
N ASP A 510 -4.55 31.49 -5.19
CA ASP A 510 -4.65 31.22 -3.78
C ASP A 510 -3.71 32.12 -2.99
N PRO A 511 -4.16 33.37 -2.73
CA PRO A 511 -3.26 34.39 -2.13
C PRO A 511 -2.86 34.14 -0.67
N GLY A 512 -3.41 33.10 -0.06
CA GLY A 512 -3.02 32.73 1.30
C GLY A 512 -1.81 31.80 1.33
N TRP A 513 -1.36 31.37 0.13
CA TRP A 513 -0.30 30.34 0.01
C TRP A 513 0.95 30.92 -0.63
N PRO A 514 2.09 30.17 -0.54
CA PRO A 514 3.39 30.67 -1.04
C PRO A 514 3.57 30.41 -2.54
N THR A 515 4.18 31.36 -3.25
CA THR A 515 4.25 31.31 -4.71
C THR A 515 5.69 31.31 -5.22
N THR A 516 5.94 30.46 -6.23
CA THR A 516 7.18 30.48 -7.00
C THR A 516 6.73 30.49 -8.45
N TRP A 517 7.18 31.49 -9.22
CA TRP A 517 6.98 31.53 -10.66
C TRP A 517 8.18 30.87 -11.34
N PHE A 518 7.93 29.86 -12.18
CA PHE A 518 8.98 29.02 -12.75
C PHE A 518 8.90 28.93 -14.25
N ALA A 519 10.01 29.19 -14.91
CA ALA A 519 10.15 28.94 -16.34
C ALA A 519 11.20 27.82 -16.59
N PRO A 520 10.77 26.68 -17.16
CA PRO A 520 11.72 25.61 -17.51
C PRO A 520 12.56 26.05 -18.71
N ARG A 521 13.83 25.64 -18.75
CA ARG A 521 14.65 25.83 -19.94
C ARG A 521 14.08 24.98 -21.05
N LEU A 522 13.91 25.58 -22.22
CA LEU A 522 13.44 24.86 -23.40
C LEU A 522 14.61 24.43 -24.25
N THR A 523 14.51 23.28 -24.88
CA THR A 523 15.64 22.80 -25.66
C THR A 523 15.25 22.56 -27.09
N GLY A 524 13.96 22.67 -27.39
CA GLY A 524 13.44 22.28 -28.69
C GLY A 524 13.37 20.78 -28.92
N LYS A 525 13.70 19.98 -27.89
CA LYS A 525 13.58 18.52 -27.98
C LYS A 525 12.57 17.95 -26.97
N GLY A 526 11.89 16.87 -27.36
CA GLY A 526 11.17 16.01 -26.41
C GLY A 526 10.00 16.77 -25.83
N ALA A 527 9.92 16.79 -24.50
CA ALA A 527 8.84 17.50 -23.83
C ALA A 527 9.22 18.98 -23.53
N PHE A 528 10.35 19.44 -24.07
CA PHE A 528 10.87 20.81 -23.83
C PHE A 528 10.91 21.67 -25.10
N LYS A 529 9.87 21.55 -25.92
CA LYS A 529 9.73 22.42 -27.08
C LYS A 529 8.95 23.64 -26.68
N SER A 530 8.10 23.51 -25.67
CA SER A 530 7.40 24.67 -25.12
C SER A 530 7.11 24.48 -23.65
N VAL A 531 6.75 25.57 -22.98
CA VAL A 531 6.47 25.48 -21.56
C VAL A 531 5.22 24.65 -21.33
N TYR A 532 4.24 24.81 -22.22
CA TYR A 532 3.05 24.00 -22.17
C TYR A 532 3.41 22.49 -22.17
N ASP A 533 4.31 22.08 -23.07
CA ASP A 533 4.64 20.65 -23.17
C ASP A 533 5.29 20.12 -21.89
N VAL A 534 6.03 20.97 -21.18
CA VAL A 534 6.64 20.59 -19.94
C VAL A 534 5.52 20.28 -18.97
N MET A 535 4.57 21.21 -18.82
CA MET A 535 3.41 20.98 -17.96
C MET A 535 2.59 19.74 -18.40
N ASN A 536 2.31 19.66 -19.70
CA ASN A 536 1.46 18.61 -20.25
C ASN A 536 2.05 17.22 -20.02
N ASN A 537 3.37 17.17 -19.80
CA ASN A 537 4.08 15.91 -19.57
C ASN A 537 4.46 15.65 -18.13
N TRP A 538 4.17 16.62 -17.24
CA TRP A 538 4.43 16.42 -15.83
C TRP A 538 3.52 15.37 -15.26
N GLY A 539 4.12 14.41 -14.54
CA GLY A 539 3.45 13.15 -14.17
C GLY A 539 2.60 13.14 -12.91
N ALA A 540 2.56 14.24 -12.18
CA ALA A 540 1.74 14.36 -10.96
C ALA A 540 1.32 15.82 -10.75
N ASN A 541 0.45 16.05 -9.76
CA ASN A 541 0.09 17.39 -9.32
C ASN A 541 1.23 18.09 -8.55
N HIS A 542 2.22 17.30 -8.09
CA HIS A 542 3.34 17.83 -7.31
C HIS A 542 4.73 17.78 -7.98
N GLY A 543 5.62 18.67 -7.53
CA GLY A 543 7.02 18.64 -7.92
C GLY A 543 7.86 18.95 -6.69
N ALA A 544 9.13 18.57 -6.73
CA ALA A 544 10.09 18.96 -5.71
C ALA A 544 11.05 19.92 -6.37
N ILE A 545 11.31 21.06 -5.73
CA ILE A 545 12.11 22.12 -6.38
C ILE A 545 13.29 22.50 -5.48
N THR A 546 14.48 22.39 -6.05
CA THR A 546 15.71 22.67 -5.34
C THR A 546 16.41 23.86 -5.97
N TYR A 547 17.15 24.62 -5.16
CA TYR A 547 18.09 25.58 -5.70
C TYR A 547 19.09 24.83 -6.60
N GLY A 548 19.54 25.45 -7.67
CA GLY A 548 20.59 24.84 -8.48
C GLY A 548 20.12 24.09 -9.71
N HIS A 549 21.03 23.96 -10.66
CA HIS A 549 20.83 23.11 -11.80
C HIS A 549 21.51 21.78 -11.50
N ILE A 550 20.71 20.82 -11.03
CA ILE A 550 21.29 19.55 -10.56
C ILE A 550 20.90 18.35 -11.46
N GLY A 551 20.39 18.64 -12.66
CA GLY A 551 19.93 17.60 -13.58
C GLY A 551 20.90 16.46 -13.83
N ALA A 552 22.14 16.82 -14.19
CA ALA A 552 23.21 15.86 -14.43
C ALA A 552 23.48 14.96 -13.21
N ASP A 553 23.42 15.55 -12.00
CA ASP A 553 23.59 14.78 -10.77
C ASP A 553 22.44 13.76 -10.58
N LEU A 554 21.22 14.22 -10.86
CA LEU A 554 20.04 13.36 -10.76
C LEU A 554 20.10 12.23 -11.76
N ILE A 555 20.55 12.52 -12.99
CA ILE A 555 20.66 11.47 -14.01
C ILE A 555 21.67 10.40 -13.51
N THR A 556 22.79 10.83 -12.97
CA THR A 556 23.80 9.92 -12.44
C THR A 556 23.27 9.10 -11.27
N LEU A 557 22.60 9.74 -10.34
CA LEU A 557 21.97 9.05 -9.20
C LEU A 557 20.97 8.02 -9.72
N ALA A 558 20.17 8.43 -10.70
CA ALA A 558 19.11 7.60 -11.25
C ALA A 558 19.69 6.30 -11.83
N SER A 559 20.77 6.43 -12.58
CA SER A 559 21.37 5.25 -13.17
C SER A 559 21.93 4.33 -12.10
N MET A 560 22.50 4.89 -11.02
CA MET A 560 22.91 4.07 -9.85
C MET A 560 21.78 3.25 -9.25
N LEU A 561 20.58 3.83 -9.21
CA LEU A 561 19.39 3.18 -8.62
C LEU A 561 18.60 2.39 -9.66
N ARG A 562 19.06 2.40 -10.92
CA ARG A 562 18.34 1.75 -12.05
C ARG A 562 16.91 2.28 -12.23
N ILE A 563 16.78 3.60 -12.09
CA ILE A 563 15.53 4.30 -12.31
C ILE A 563 15.65 5.02 -13.64
N PRO A 564 14.80 4.64 -14.60
CA PRO A 564 14.90 5.30 -15.91
C PRO A 564 14.46 6.77 -15.84
N VAL A 565 15.04 7.58 -16.71
CA VAL A 565 14.67 8.97 -16.82
C VAL A 565 13.77 9.20 -18.03
N ASN A 566 12.50 9.47 -17.75
CA ASN A 566 11.54 9.59 -18.84
C ASN A 566 11.57 10.94 -19.54
N MET A 567 12.18 11.93 -18.88
CA MET A 567 12.05 13.31 -19.26
C MET A 567 13.08 14.22 -18.53
N HIS A 568 13.94 14.91 -19.28
CA HIS A 568 14.87 15.87 -18.68
C HIS A 568 15.33 16.85 -19.77
N ASN A 569 15.76 18.05 -19.35
CA ASN A 569 16.31 19.04 -20.26
C ASN A 569 17.83 19.27 -20.08
N VAL A 570 18.55 18.20 -19.71
CA VAL A 570 19.98 18.28 -19.46
C VAL A 570 20.75 18.06 -20.76
N PRO A 571 21.77 18.90 -21.07
CA PRO A 571 22.53 18.66 -22.31
C PRO A 571 23.12 17.24 -22.32
N GLU A 572 22.92 16.54 -23.43
CA GLU A 572 23.41 15.18 -23.63
C GLU A 572 24.88 14.99 -23.26
N GLU A 573 25.73 15.98 -23.53
CA GLU A 573 27.14 15.81 -23.18
C GLU A 573 27.41 15.75 -21.64
N ASP A 574 26.44 16.16 -20.82
CA ASP A 574 26.60 16.05 -19.36
C ASP A 574 26.08 14.74 -18.77
N ILE A 575 25.41 13.92 -19.59
CA ILE A 575 24.91 12.64 -19.15
C ILE A 575 26.07 11.70 -18.78
N PHE A 576 26.06 11.25 -17.53
CA PHE A 576 27.14 10.45 -16.98
C PHE A 576 26.51 9.25 -16.29
N ARG A 577 26.63 8.09 -16.94
CA ARG A 577 25.99 6.85 -16.58
C ARG A 577 27.06 5.73 -16.51
N PRO A 578 26.77 4.57 -15.88
CA PRO A 578 27.82 3.54 -15.93
C PRO A 578 28.16 3.17 -17.37
N LYS A 579 29.39 2.71 -17.57
CA LYS A 579 29.89 2.47 -18.93
C LYS A 579 29.10 1.37 -19.66
N ASN A 580 28.57 0.39 -18.94
CA ASN A 580 27.79 -0.62 -19.64
C ASN A 580 26.45 -0.15 -20.25
N TRP A 581 25.91 0.98 -19.82
CA TRP A 581 24.75 1.58 -20.51
C TRP A 581 25.03 1.74 -22.00
N SER A 582 26.25 2.12 -22.29
CA SER A 582 26.71 2.33 -23.64
C SER A 582 26.49 1.09 -24.51
N LEU A 583 26.64 -0.09 -23.90
CA LEU A 583 26.43 -1.36 -24.60
C LEU A 583 24.99 -1.64 -24.98
N PHE A 584 24.06 -0.93 -24.34
CA PHE A 584 22.64 -1.01 -24.69
C PHE A 584 22.27 -0.02 -25.79
N GLY A 585 23.22 0.84 -26.21
CA GLY A 585 22.96 1.82 -27.26
C GLY A 585 23.63 3.16 -27.08
N THR A 586 24.13 3.73 -28.17
CA THR A 586 24.79 5.02 -28.09
C THR A 586 23.97 6.11 -28.76
N GLU A 587 22.99 5.69 -29.56
CA GLU A 587 22.16 6.62 -30.32
C GLU A 587 20.87 6.95 -29.63
N ASP A 588 20.12 5.96 -29.18
CA ASP A 588 18.85 6.23 -28.55
C ASP A 588 19.04 6.12 -27.04
N LEU A 589 19.63 7.16 -26.45
CA LEU A 589 20.03 7.12 -25.05
C LEU A 589 18.89 6.80 -24.09
N GLU A 590 17.75 7.46 -24.32
CA GLU A 590 16.56 7.20 -23.53
C GLU A 590 16.21 5.68 -23.51
N SER A 591 16.04 5.06 -24.69
CA SER A 591 15.66 3.65 -24.79
C SER A 591 16.74 2.75 -24.21
N ALA A 592 18.01 3.10 -24.47
CA ALA A 592 19.13 2.38 -23.87
C ALA A 592 19.01 2.39 -22.36
N ASP A 593 18.64 3.55 -21.80
CA ASP A 593 18.45 3.69 -20.36
C ASP A 593 17.33 2.76 -19.82
N TYR A 594 16.17 2.72 -20.49
CA TYR A 594 15.11 1.80 -20.13
C TYR A 594 15.54 0.35 -20.26
N ARG A 595 16.22 -0.01 -21.35
CA ARG A 595 16.68 -1.38 -21.50
C ARG A 595 17.62 -1.73 -20.35
N ALA A 596 18.57 -0.85 -20.04
CA ALA A 596 19.54 -1.15 -18.97
C ALA A 596 18.83 -1.29 -17.63
N CYS A 597 17.95 -0.34 -17.29
CA CYS A 597 17.28 -0.36 -15.98
C CYS A 597 16.37 -1.59 -15.88
N GLN A 598 15.67 -1.89 -16.98
CA GLN A 598 14.82 -3.07 -17.09
C GLN A 598 15.60 -4.36 -16.79
N LEU A 599 16.73 -4.55 -17.48
CA LEU A 599 17.52 -5.75 -17.34
C LEU A 599 18.21 -5.88 -15.97
N LEU A 600 18.87 -4.82 -15.51
CA LEU A 600 19.57 -4.87 -14.21
C LEU A 600 18.58 -4.92 -13.04
N GLY A 601 17.47 -4.19 -13.14
CA GLY A 601 16.50 -4.10 -12.03
C GLY A 601 17.04 -3.34 -10.82
N PRO A 602 16.20 -3.19 -9.79
CA PRO A 602 16.56 -2.47 -8.56
C PRO A 602 17.72 -3.15 -7.81
N LEU A 603 18.53 -2.37 -7.09
CA LEU A 603 19.67 -2.93 -6.35
C LEU A 603 19.31 -4.06 -5.38
N HIS A 604 18.18 -3.93 -4.67
CA HIS A 604 17.87 -4.84 -3.57
C HIS A 604 16.66 -5.75 -3.80
N LYS A 605 16.47 -6.23 -5.03
CA LYS A 605 15.35 -7.14 -5.33
C LYS A 605 15.75 -8.57 -5.06
N HIS B 1 -30.84 5.24 -3.50
CA HIS B 1 -30.32 6.63 -3.35
C HIS B 1 -31.11 7.70 -4.12
N HIS B 2 -31.25 8.87 -3.48
CA HIS B 2 -31.94 10.01 -4.05
C HIS B 2 -30.95 11.07 -4.46
N HIS B 3 -31.39 11.97 -5.31
CA HIS B 3 -30.61 13.15 -5.59
C HIS B 3 -30.82 14.16 -4.47
N HIS B 4 -29.72 14.72 -4.01
CA HIS B 4 -29.70 15.82 -3.04
C HIS B 4 -30.32 17.08 -3.69
N HIS B 5 -30.92 17.95 -2.87
CA HIS B 5 -31.54 19.14 -3.40
C HIS B 5 -30.58 20.01 -4.24
N SER B 6 -29.29 20.00 -3.93
CA SER B 6 -28.31 20.77 -4.75
C SER B 6 -27.22 19.95 -5.48
N SER B 7 -26.67 18.93 -4.83
CA SER B 7 -25.47 18.28 -5.34
C SER B 7 -25.26 16.85 -4.86
N GLY B 8 -25.03 15.96 -5.82
CA GLY B 8 -24.69 14.57 -5.53
C GLY B 8 -25.81 13.71 -5.01
N LEU B 9 -25.41 12.57 -4.49
CA LEU B 9 -26.35 11.56 -4.06
C LEU B 9 -26.42 11.44 -2.55
N VAL B 10 -27.49 10.81 -2.10
CA VAL B 10 -27.73 10.63 -0.71
C VAL B 10 -28.57 9.35 -0.52
N PRO B 11 -28.28 8.55 0.54
CA PRO B 11 -28.97 7.24 0.65
C PRO B 11 -30.47 7.33 1.00
N ARG B 12 -31.25 6.42 0.43
CA ARG B 12 -32.69 6.32 0.69
C ARG B 12 -32.98 5.08 1.54
N GLY B 13 -34.09 5.09 2.28
CA GLY B 13 -34.54 3.92 3.04
C GLY B 13 -33.47 3.40 3.96
N SER B 14 -32.81 2.32 3.56
CA SER B 14 -31.65 1.77 4.30
C SER B 14 -30.31 2.40 3.85
N HIS B 15 -29.22 1.71 4.14
CA HIS B 15 -27.86 2.19 3.86
C HIS B 15 -27.64 2.64 2.42
N MET B 16 -26.57 3.40 2.18
CA MET B 16 -26.11 3.68 0.81
C MET B 16 -25.65 2.39 0.09
N ALA B 17 -24.64 1.70 0.61
CA ALA B 17 -24.21 0.43 0.02
C ALA B 17 -25.24 -0.67 0.31
N SER B 18 -25.51 -1.50 -0.70
CA SER B 18 -26.33 -2.68 -0.48
C SER B 18 -25.72 -3.86 -1.19
N ILE B 19 -26.16 -5.06 -0.83
CA ILE B 19 -25.71 -6.29 -1.50
C ILE B 19 -26.15 -6.26 -2.96
N GLN B 20 -25.20 -6.44 -3.89
CA GLN B 20 -25.45 -6.55 -5.34
C GLN B 20 -26.32 -7.77 -5.67
N HIS B 21 -26.93 -7.78 -6.86
CA HIS B 21 -27.65 -8.97 -7.33
C HIS B 21 -27.08 -9.47 -8.64
N PRO B 22 -25.82 -9.99 -8.63
CA PRO B 22 -25.31 -10.47 -9.92
C PRO B 22 -26.13 -11.64 -10.43
N ARG B 23 -26.29 -11.70 -11.75
CA ARG B 23 -27.09 -12.76 -12.37
C ARG B 23 -26.25 -13.88 -12.96
N ILE B 24 -26.82 -15.07 -13.04
CA ILE B 24 -26.23 -16.15 -13.82
C ILE B 24 -26.94 -16.21 -15.17
N GLY B 25 -26.14 -16.17 -16.24
CA GLY B 25 -26.64 -16.16 -17.59
C GLY B 25 -26.64 -17.57 -18.14
N ILE B 26 -27.80 -18.06 -18.55
CA ILE B 26 -27.95 -19.43 -19.02
C ILE B 26 -28.17 -19.43 -20.52
N ARG B 27 -27.32 -20.20 -21.20
CA ARG B 27 -27.21 -20.14 -22.67
C ARG B 27 -27.57 -21.51 -23.26
N PRO B 28 -28.77 -21.63 -23.87
CA PRO B 28 -29.10 -22.95 -24.39
C PRO B 28 -28.65 -23.03 -25.83
N THR B 29 -27.68 -23.89 -26.10
CA THR B 29 -27.14 -23.99 -27.46
C THR B 29 -27.74 -25.19 -28.17
N ILE B 30 -27.88 -25.07 -29.48
CA ILE B 30 -28.62 -26.03 -30.27
C ILE B 30 -27.93 -26.22 -31.61
N ASP B 31 -28.20 -27.36 -32.24
CA ASP B 31 -27.80 -27.66 -33.61
C ASP B 31 -28.45 -26.64 -34.56
N GLY B 32 -27.67 -26.12 -35.50
CA GLY B 32 -28.16 -25.04 -36.38
C GLY B 32 -29.09 -25.50 -37.50
N ARG B 33 -28.93 -26.74 -37.96
CA ARG B 33 -29.75 -27.35 -39.05
C ARG B 33 -31.25 -27.31 -38.81
N ARG B 34 -32.02 -26.86 -39.80
CA ARG B 34 -33.46 -26.67 -39.62
C ARG B 34 -34.41 -27.56 -40.40
N GLN B 35 -33.99 -28.66 -40.97
CA GLN B 35 -35.06 -29.34 -41.74
C GLN B 35 -35.74 -30.35 -40.83
N GLY B 36 -36.17 -29.87 -39.66
CA GLY B 36 -36.72 -30.74 -38.61
C GLY B 36 -35.82 -30.92 -37.40
N VAL B 37 -34.51 -31.01 -37.62
CA VAL B 37 -33.54 -31.30 -36.55
C VAL B 37 -33.63 -30.26 -35.41
N ARG B 38 -33.39 -28.98 -35.73
CA ARG B 38 -33.33 -27.94 -34.72
C ARG B 38 -34.69 -27.85 -34.02
N GLU B 39 -35.75 -27.76 -34.82
CA GLU B 39 -37.14 -27.73 -34.33
C GLU B 39 -37.44 -28.87 -33.36
N SER B 40 -36.94 -30.06 -33.66
CA SER B 40 -37.19 -31.22 -32.81
C SER B 40 -36.42 -31.20 -31.48
N LEU B 41 -35.50 -30.26 -31.32
CA LEU B 41 -34.62 -30.22 -30.13
C LEU B 41 -34.94 -28.99 -29.28
N GLU B 42 -35.71 -28.08 -29.87
CA GLU B 42 -35.99 -26.80 -29.26
C GLU B 42 -36.51 -26.92 -27.82
N VAL B 43 -37.50 -27.81 -27.62
CA VAL B 43 -38.22 -27.94 -26.35
C VAL B 43 -37.29 -28.58 -25.32
N GLN B 44 -36.67 -29.69 -25.68
CA GLN B 44 -35.73 -30.31 -24.76
C GLN B 44 -34.64 -29.32 -24.31
N THR B 45 -34.12 -28.53 -25.24
CA THR B 45 -32.96 -27.67 -25.02
C THR B 45 -33.31 -26.53 -24.06
N MET B 46 -34.41 -25.86 -24.35
CA MET B 46 -34.86 -24.71 -23.60
C MET B 46 -35.36 -25.12 -22.20
N ASN B 47 -35.86 -26.36 -22.09
CA ASN B 47 -36.20 -26.91 -20.78
C ASN B 47 -35.00 -27.19 -19.90
N MET B 48 -33.91 -27.70 -20.50
CA MET B 48 -32.64 -27.82 -19.78
C MET B 48 -32.28 -26.46 -19.15
N ALA B 49 -32.39 -25.40 -19.93
CA ALA B 49 -32.10 -24.06 -19.44
C ALA B 49 -33.00 -23.67 -18.27
N LYS B 50 -34.30 -23.88 -18.43
CA LYS B 50 -35.28 -23.59 -17.39
C LYS B 50 -34.99 -24.39 -16.10
N SER B 51 -34.67 -25.66 -16.23
CA SER B 51 -34.46 -26.47 -15.03
C SER B 51 -33.21 -26.07 -14.24
N VAL B 52 -32.18 -25.59 -14.93
CA VAL B 52 -30.99 -25.02 -14.28
C VAL B 52 -31.35 -23.71 -13.56
N ALA B 53 -32.03 -22.79 -14.25
CA ALA B 53 -32.55 -21.56 -13.63
C ALA B 53 -33.33 -21.85 -12.34
N ASP B 54 -34.28 -22.77 -12.40
CA ASP B 54 -35.03 -23.19 -11.21
C ASP B 54 -34.14 -23.83 -10.15
N LEU B 55 -33.20 -24.68 -10.56
CA LEU B 55 -32.30 -25.28 -9.58
C LEU B 55 -31.59 -24.21 -8.75
N ILE B 56 -31.05 -23.21 -9.45
CA ILE B 56 -30.27 -22.15 -8.83
C ILE B 56 -31.15 -21.20 -8.04
N SER B 57 -32.21 -20.71 -8.67
CA SER B 57 -33.07 -19.72 -8.03
C SER B 57 -33.82 -20.27 -6.82
N SER B 58 -34.16 -21.54 -6.85
CA SER B 58 -34.86 -22.13 -5.71
C SER B 58 -33.92 -22.68 -4.64
N THR B 59 -32.63 -22.80 -4.94
CA THR B 59 -31.66 -23.25 -3.93
C THR B 59 -30.79 -22.15 -3.33
N LEU B 60 -30.35 -21.18 -4.11
CA LEU B 60 -29.32 -20.26 -3.62
C LEU B 60 -29.89 -18.88 -3.34
N LYS B 61 -29.25 -18.14 -2.44
CA LYS B 61 -29.72 -16.81 -2.07
C LYS B 61 -28.57 -15.83 -2.02
N TYR B 62 -28.86 -14.55 -2.22
CA TYR B 62 -27.84 -13.53 -2.05
C TYR B 62 -27.64 -13.32 -0.54
N PRO B 63 -26.57 -12.62 -0.16
CA PRO B 63 -26.38 -12.38 1.26
C PRO B 63 -27.52 -11.60 1.91
N ASP B 64 -28.41 -11.03 1.11
CA ASP B 64 -29.53 -10.27 1.68
C ASP B 64 -30.79 -11.15 1.83
N GLY B 65 -30.67 -12.45 1.60
CA GLY B 65 -31.81 -13.35 1.72
C GLY B 65 -32.63 -13.57 0.47
N GLU B 66 -32.55 -12.64 -0.49
CA GLU B 66 -33.25 -12.77 -1.78
C GLU B 66 -32.80 -13.95 -2.65
N PRO B 67 -33.74 -14.59 -3.35
CA PRO B 67 -33.36 -15.68 -4.26
C PRO B 67 -32.48 -15.16 -5.37
N VAL B 68 -31.44 -15.93 -5.70
CA VAL B 68 -30.53 -15.65 -6.81
C VAL B 68 -31.32 -15.55 -8.14
N GLU B 69 -30.92 -14.61 -8.99
CA GLU B 69 -31.60 -14.34 -10.28
C GLU B 69 -30.83 -14.92 -11.48
N CYS B 70 -31.56 -15.60 -12.37
CA CYS B 70 -31.02 -16.14 -13.62
C CYS B 70 -31.60 -15.45 -14.86
N VAL B 71 -30.80 -15.36 -15.92
CA VAL B 71 -31.22 -14.72 -17.17
C VAL B 71 -30.93 -15.73 -18.26
N ILE B 72 -31.94 -16.01 -19.06
CA ILE B 72 -31.79 -16.95 -20.17
C ILE B 72 -31.59 -16.17 -21.46
N SER B 73 -30.81 -16.73 -22.37
CA SER B 73 -30.65 -16.14 -23.70
C SER B 73 -32.00 -15.85 -24.35
N PRO B 74 -32.07 -14.80 -25.20
CA PRO B 74 -33.37 -14.51 -25.84
C PRO B 74 -33.87 -15.65 -26.69
N SER B 75 -32.98 -16.51 -27.17
CA SER B 75 -33.42 -17.67 -27.95
C SER B 75 -32.41 -18.78 -27.76
N THR B 76 -32.70 -19.96 -28.25
CA THR B 76 -31.65 -20.93 -28.38
C THR B 76 -30.56 -20.44 -29.36
N ILE B 77 -29.37 -21.02 -29.19
CA ILE B 77 -28.17 -20.50 -29.86
C ILE B 77 -27.62 -21.57 -30.78
N GLY B 78 -27.84 -21.39 -32.08
CA GLY B 78 -27.42 -22.35 -33.10
C GLY B 78 -26.40 -21.76 -34.05
N ARG B 79 -26.48 -20.44 -34.24
CA ARG B 79 -25.52 -19.70 -35.06
C ARG B 79 -25.05 -18.42 -34.37
N VAL B 80 -23.95 -17.85 -34.85
CA VAL B 80 -23.35 -16.71 -34.16
C VAL B 80 -24.27 -15.50 -33.90
N PRO B 81 -25.26 -15.22 -34.79
CA PRO B 81 -26.01 -14.01 -34.44
C PRO B 81 -26.89 -14.22 -33.20
N GLU B 82 -27.22 -15.46 -32.91
CA GLU B 82 -27.93 -15.81 -31.67
C GLU B 82 -26.99 -15.71 -30.44
N ALA B 83 -25.73 -16.09 -30.61
CA ALA B 83 -24.72 -15.84 -29.60
C ALA B 83 -24.52 -14.32 -29.34
N ALA B 84 -24.59 -13.51 -30.39
CA ALA B 84 -24.48 -12.06 -30.24
C ALA B 84 -25.68 -11.46 -29.48
N ALA B 85 -26.86 -11.95 -29.80
CA ALA B 85 -28.10 -11.50 -29.15
C ALA B 85 -28.05 -11.86 -27.67
N SER B 86 -27.60 -13.07 -27.36
CA SER B 86 -27.42 -13.46 -25.96
C SER B 86 -26.46 -12.51 -25.23
N HIS B 87 -25.34 -12.20 -25.88
CA HIS B 87 -24.29 -11.38 -25.28
C HIS B 87 -24.81 -9.96 -25.01
N GLU B 88 -25.56 -9.43 -25.97
CA GLU B 88 -26.16 -8.12 -25.81
C GLU B 88 -27.11 -8.11 -24.61
N LEU B 89 -27.90 -9.17 -24.45
CA LEU B 89 -28.80 -9.26 -23.30
C LEU B 89 -28.01 -9.31 -21.98
N PHE B 90 -27.02 -10.21 -21.90
CA PHE B 90 -26.21 -10.38 -20.68
C PHE B 90 -25.48 -9.10 -20.24
N LYS B 91 -24.93 -8.36 -21.21
CA LYS B 91 -24.20 -7.10 -20.95
C LYS B 91 -25.06 -6.08 -20.21
N LYS B 92 -26.37 -6.16 -20.38
CA LYS B 92 -27.22 -5.19 -19.73
C LYS B 92 -27.99 -5.76 -18.54
N SER B 93 -27.77 -7.03 -18.19
CA SER B 93 -28.52 -7.70 -17.11
C SER B 93 -27.63 -8.13 -15.94
N ASN B 94 -26.45 -7.53 -15.82
CA ASN B 94 -25.58 -7.79 -14.67
C ASN B 94 -25.12 -9.27 -14.52
N VAL B 95 -24.75 -9.90 -15.64
CA VAL B 95 -24.43 -11.32 -15.63
C VAL B 95 -22.98 -11.50 -15.16
N CYS B 96 -22.79 -12.24 -14.08
CA CYS B 96 -21.46 -12.44 -13.52
C CYS B 96 -20.82 -13.74 -14.00
N ALA B 97 -21.60 -14.58 -14.66
CA ALA B 97 -21.12 -15.90 -15.04
C ALA B 97 -22.14 -16.55 -15.95
N THR B 98 -21.70 -17.59 -16.63
CA THR B 98 -22.44 -18.19 -17.70
C THR B 98 -22.49 -19.70 -17.51
N ILE B 99 -23.64 -20.28 -17.87
CA ILE B 99 -23.82 -21.75 -17.99
C ILE B 99 -24.46 -22.07 -19.36
N THR B 100 -23.73 -22.79 -20.21
CA THR B 100 -24.28 -23.29 -21.45
C THR B 100 -24.90 -24.64 -21.18
N VAL B 101 -26.07 -24.88 -21.76
CA VAL B 101 -26.71 -26.21 -21.64
C VAL B 101 -27.07 -26.75 -23.01
N THR B 102 -26.91 -28.04 -23.21
CA THR B 102 -27.32 -28.61 -24.48
C THR B 102 -27.50 -30.12 -24.42
N PRO B 103 -28.46 -30.62 -25.20
CA PRO B 103 -28.58 -32.06 -25.38
C PRO B 103 -28.04 -32.53 -26.74
N CYS B 104 -27.46 -31.65 -27.53
CA CYS B 104 -27.08 -32.07 -28.88
C CYS B 104 -25.73 -31.51 -29.35
N TRP B 105 -25.35 -31.86 -30.58
CA TRP B 105 -24.21 -31.25 -31.21
C TRP B 105 -24.52 -29.80 -31.57
N CYS B 106 -23.56 -28.90 -31.27
CA CYS B 106 -23.65 -27.48 -31.67
C CYS B 106 -22.27 -27.04 -32.21
N TYR B 107 -22.25 -25.90 -32.90
CA TYR B 107 -21.04 -25.52 -33.65
C TYR B 107 -20.05 -24.72 -32.79
N GLY B 108 -19.31 -25.45 -31.97
CA GLY B 108 -18.32 -24.87 -31.03
C GLY B 108 -18.08 -23.36 -31.01
N SER B 109 -17.07 -22.93 -31.77
CA SER B 109 -16.67 -21.53 -31.75
C SER B 109 -17.74 -20.55 -32.23
N GLU B 110 -18.68 -21.05 -33.04
CA GLU B 110 -19.78 -20.21 -33.50
C GLU B 110 -20.76 -19.88 -32.35
N THR B 111 -20.83 -20.74 -31.34
CA THR B 111 -21.86 -20.61 -30.30
C THR B 111 -21.29 -20.30 -28.93
N MET B 112 -19.98 -20.40 -28.79
CA MET B 112 -19.34 -20.18 -27.48
C MET B 112 -19.46 -18.73 -27.05
N ASP B 113 -19.49 -18.54 -25.73
CA ASP B 113 -19.35 -17.20 -25.12
C ASP B 113 -17.86 -16.79 -25.05
N MET B 114 -17.55 -15.57 -25.48
CA MET B 114 -16.16 -15.10 -25.53
C MET B 114 -15.75 -14.22 -24.33
N SER B 115 -16.66 -13.99 -23.38
CA SER B 115 -16.34 -13.06 -22.29
C SER B 115 -15.10 -13.55 -21.53
N PRO B 116 -14.06 -12.71 -21.43
CA PRO B 116 -12.84 -13.19 -20.78
C PRO B 116 -12.80 -12.92 -19.28
N ASP B 117 -13.74 -12.11 -18.77
CA ASP B 117 -13.62 -11.56 -17.41
C ASP B 117 -14.61 -12.19 -16.40
N ILE B 118 -15.33 -13.21 -16.84
CA ILE B 118 -16.30 -13.96 -15.99
C ILE B 118 -16.13 -15.48 -16.20
N PRO B 119 -16.60 -16.29 -15.23
CA PRO B 119 -16.49 -17.73 -15.45
C PRO B 119 -17.54 -18.23 -16.44
N HIS B 120 -17.24 -19.37 -17.05
CA HIS B 120 -18.17 -20.09 -17.91
C HIS B 120 -18.24 -21.54 -17.48
N ALA B 121 -19.44 -22.12 -17.53
CA ALA B 121 -19.64 -23.55 -17.35
C ALA B 121 -20.47 -24.09 -18.49
N ILE B 122 -20.22 -25.34 -18.88
CA ILE B 122 -20.99 -26.00 -19.93
C ILE B 122 -21.46 -27.36 -19.44
N TRP B 123 -22.78 -27.59 -19.45
CA TRP B 123 -23.36 -28.90 -19.09
C TRP B 123 -23.90 -29.54 -20.34
N GLY B 124 -23.25 -30.61 -20.76
CA GLY B 124 -23.74 -31.38 -21.89
C GLY B 124 -24.45 -32.62 -21.37
N PHE B 125 -25.70 -32.75 -21.78
CA PHE B 125 -26.53 -33.91 -21.44
C PHE B 125 -25.86 -35.21 -21.86
N ASN B 126 -25.78 -36.18 -20.95
CA ASN B 126 -25.26 -37.50 -21.30
C ASN B 126 -26.37 -38.39 -21.88
N GLY B 127 -26.68 -38.19 -23.16
CA GLY B 127 -27.67 -39.02 -23.84
C GLY B 127 -27.04 -39.64 -25.09
N THR B 128 -27.67 -40.67 -25.63
CA THR B 128 -27.13 -41.34 -26.80
C THR B 128 -27.71 -40.78 -28.08
N GLU B 129 -29.02 -40.52 -28.08
CA GLU B 129 -29.69 -39.90 -29.22
C GLU B 129 -29.33 -38.44 -29.12
N ARG B 130 -28.99 -38.04 -27.91
CA ARG B 130 -28.66 -36.65 -27.56
C ARG B 130 -27.18 -36.44 -27.19
N PRO B 131 -26.27 -36.35 -28.23
CA PRO B 131 -24.79 -36.19 -28.10
C PRO B 131 -24.26 -34.84 -27.53
N GLY B 132 -24.89 -34.37 -26.45
CA GLY B 132 -24.53 -33.08 -25.84
C GLY B 132 -23.10 -33.06 -25.35
N ALA B 133 -22.63 -34.24 -24.96
CA ALA B 133 -21.33 -34.42 -24.36
C ALA B 133 -20.20 -34.20 -25.38
N VAL B 134 -20.46 -34.60 -26.62
CA VAL B 134 -19.55 -34.34 -27.72
C VAL B 134 -19.39 -32.81 -27.93
N TYR B 135 -20.49 -32.07 -27.91
CA TYR B 135 -20.39 -30.60 -27.96
C TYR B 135 -19.56 -30.09 -26.81
N LEU B 136 -19.79 -30.67 -25.63
CA LEU B 136 -19.13 -30.30 -24.39
C LEU B 136 -17.61 -30.36 -24.59
N ALA B 137 -17.11 -31.53 -24.99
CA ALA B 137 -15.68 -31.68 -25.22
C ALA B 137 -15.16 -30.75 -26.32
N ALA B 138 -15.89 -30.63 -27.43
CA ALA B 138 -15.47 -29.75 -28.53
C ALA B 138 -15.34 -28.31 -28.06
N VAL B 139 -16.39 -27.80 -27.41
CA VAL B 139 -16.44 -26.39 -27.09
C VAL B 139 -15.38 -26.09 -26.04
N LEU B 140 -15.21 -27.00 -25.08
CA LEU B 140 -14.21 -26.84 -24.05
C LEU B 140 -12.80 -26.81 -24.65
N ALA B 141 -12.58 -27.59 -25.71
CA ALA B 141 -11.29 -27.55 -26.42
C ALA B 141 -11.06 -26.18 -27.03
N SER B 142 -12.12 -25.62 -27.64
CA SER B 142 -12.04 -24.21 -28.14
C SER B 142 -11.70 -23.19 -27.02
N HIS B 143 -12.39 -23.26 -25.88
CA HIS B 143 -12.07 -22.45 -24.70
C HIS B 143 -10.60 -22.56 -24.31
N ALA B 144 -10.07 -23.78 -24.31
CA ALA B 144 -8.65 -24.03 -23.97
C ALA B 144 -7.70 -23.44 -25.02
N GLN B 145 -8.05 -23.64 -26.26
CA GLN B 145 -7.25 -23.16 -27.38
C GLN B 145 -7.28 -21.62 -27.44
N LYS B 146 -8.35 -21.02 -26.91
CA LYS B 146 -8.48 -19.55 -26.97
C LYS B 146 -8.23 -18.87 -25.63
N GLY B 147 -7.77 -19.64 -24.64
CA GLY B 147 -7.47 -19.12 -23.31
C GLY B 147 -8.61 -18.44 -22.56
N ILE B 148 -9.82 -19.00 -22.71
CA ILE B 148 -10.97 -18.49 -21.99
C ILE B 148 -11.44 -19.63 -21.10
N PRO B 149 -11.03 -19.63 -19.84
CA PRO B 149 -11.33 -20.79 -18.98
C PRO B 149 -12.82 -21.17 -18.90
N ALA B 150 -13.15 -22.45 -19.03
CA ALA B 150 -14.54 -22.89 -18.80
C ALA B 150 -14.63 -24.22 -18.03
N PHE B 151 -15.64 -24.34 -17.16
CA PHE B 151 -15.87 -25.60 -16.44
C PHE B 151 -16.66 -26.60 -17.28
N GLY B 152 -16.34 -27.89 -17.14
CA GLY B 152 -17.13 -28.94 -17.79
C GLY B 152 -17.96 -29.81 -16.83
N ILE B 153 -19.23 -29.99 -17.15
CA ILE B 153 -20.16 -30.67 -16.26
C ILE B 153 -20.75 -31.83 -17.08
N TYR B 154 -20.20 -33.03 -16.86
CA TYR B 154 -20.64 -34.28 -17.52
C TYR B 154 -21.13 -35.28 -16.47
N GLY B 155 -22.41 -35.64 -16.59
CA GLY B 155 -23.03 -36.67 -15.76
C GLY B 155 -22.44 -38.05 -16.02
N ARG B 156 -22.21 -38.81 -14.98
CA ARG B 156 -21.59 -40.12 -15.16
C ARG B 156 -22.52 -41.19 -15.79
N ASP B 157 -23.84 -41.04 -15.63
CA ASP B 157 -24.79 -42.09 -16.08
C ASP B 157 -25.63 -41.65 -17.27
N VAL B 158 -25.61 -42.43 -18.36
CA VAL B 158 -26.48 -42.18 -19.51
C VAL B 158 -27.95 -41.97 -19.09
N GLN B 159 -28.54 -40.89 -19.59
CA GLN B 159 -29.91 -40.55 -19.27
C GLN B 159 -30.78 -40.77 -20.50
N GLU B 160 -32.05 -41.09 -20.27
CA GLU B 160 -33.05 -41.21 -21.35
C GLU B 160 -33.35 -39.84 -21.93
N ALA B 161 -33.49 -39.80 -23.26
CA ALA B 161 -33.83 -38.58 -24.01
C ALA B 161 -34.94 -37.74 -23.39
N SER B 162 -35.88 -38.40 -22.72
CA SER B 162 -37.07 -37.72 -22.23
C SER B 162 -36.96 -37.34 -20.75
N ASP B 163 -35.87 -37.73 -20.10
CA ASP B 163 -35.73 -37.36 -18.69
C ASP B 163 -35.32 -35.91 -18.49
N THR B 164 -36.00 -35.23 -17.57
CA THR B 164 -35.75 -33.83 -17.35
C THR B 164 -35.16 -33.55 -15.96
N ASP B 165 -35.09 -34.57 -15.11
CA ASP B 165 -34.40 -34.42 -13.81
C ASP B 165 -32.93 -34.15 -14.04
N ILE B 166 -32.38 -33.24 -13.25
CA ILE B 166 -30.96 -33.02 -13.25
C ILE B 166 -30.35 -34.08 -12.33
N PRO B 167 -29.43 -34.91 -12.84
CA PRO B 167 -28.83 -35.91 -11.93
C PRO B 167 -28.08 -35.27 -10.76
N GLU B 168 -27.88 -36.01 -9.67
CA GLU B 168 -27.29 -35.45 -8.45
C GLU B 168 -25.84 -35.02 -8.66
N ASP B 169 -25.05 -35.78 -9.41
CA ASP B 169 -23.66 -35.41 -9.66
C ASP B 169 -23.55 -34.12 -10.51
N VAL B 170 -24.47 -33.94 -11.45
CA VAL B 170 -24.59 -32.72 -12.23
C VAL B 170 -25.05 -31.55 -11.35
N LYS B 171 -26.04 -31.78 -10.48
CA LYS B 171 -26.54 -30.74 -9.58
C LYS B 171 -25.41 -30.20 -8.71
N GLU B 172 -24.61 -31.12 -8.19
CA GLU B 172 -23.53 -30.79 -7.28
C GLU B 172 -22.55 -29.84 -7.96
N LYS B 173 -22.19 -30.16 -9.20
CA LYS B 173 -21.24 -29.35 -9.99
C LYS B 173 -21.82 -27.97 -10.32
N LEU B 174 -23.07 -27.95 -10.76
CA LEU B 174 -23.77 -26.71 -11.13
C LEU B 174 -23.89 -25.79 -9.94
N LEU B 175 -24.19 -26.34 -8.77
CA LEU B 175 -24.34 -25.49 -7.61
C LEU B 175 -22.99 -25.03 -7.03
N ARG B 176 -22.00 -25.92 -7.01
CA ARG B 176 -20.69 -25.50 -6.59
C ARG B 176 -20.20 -24.37 -7.53
N TYR B 177 -20.32 -24.59 -8.84
CA TYR B 177 -19.95 -23.57 -9.83
C TYR B 177 -20.69 -22.25 -9.59
N ALA B 178 -22.01 -22.35 -9.39
CA ALA B 178 -22.84 -21.18 -9.17
C ALA B 178 -22.46 -20.42 -7.89
N ARG B 179 -22.26 -21.15 -6.79
CA ARG B 179 -21.86 -20.53 -5.55
C ARG B 179 -20.58 -19.74 -5.72
N ALA B 180 -19.54 -20.36 -6.30
CA ALA B 180 -18.26 -19.71 -6.50
C ALA B 180 -18.37 -18.54 -7.47
N ALA B 181 -19.13 -18.72 -8.54
CA ALA B 181 -19.26 -17.65 -9.52
C ALA B 181 -19.95 -16.43 -8.90
N LEU B 182 -21.02 -16.70 -8.12
CA LEU B 182 -21.73 -15.64 -7.40
C LEU B 182 -20.83 -14.88 -6.43
N ALA B 183 -19.91 -15.58 -5.77
CA ALA B 183 -18.99 -14.88 -4.89
C ALA B 183 -18.12 -13.87 -5.68
N THR B 184 -17.60 -14.26 -6.84
CA THR B 184 -16.89 -13.30 -7.70
C THR B 184 -17.79 -12.12 -8.09
N GLY B 185 -19.02 -12.38 -8.48
CA GLY B 185 -19.92 -11.31 -8.88
C GLY B 185 -20.28 -10.40 -7.71
N LEU B 186 -20.34 -10.94 -6.50
CA LEU B 186 -20.68 -10.11 -5.35
C LEU B 186 -19.50 -9.20 -4.94
N MET B 187 -18.26 -9.66 -5.11
CA MET B 187 -17.10 -8.84 -4.71
C MET B 187 -16.85 -7.73 -5.70
N ARG B 188 -17.06 -8.03 -6.97
CA ARG B 188 -16.67 -7.12 -8.04
C ARG B 188 -17.20 -5.69 -7.85
N ASP B 189 -16.29 -4.72 -7.98
CA ASP B 189 -16.66 -3.30 -7.96
C ASP B 189 -16.97 -2.76 -6.56
N THR B 190 -16.89 -3.60 -5.53
CA THR B 190 -17.01 -3.12 -4.16
C THR B 190 -15.63 -2.65 -3.66
N ALA B 191 -15.58 -2.11 -2.45
CA ALA B 191 -14.36 -1.61 -1.86
C ALA B 191 -14.05 -2.30 -0.52
N TYR B 192 -12.76 -2.36 -0.22
CA TYR B 192 -12.24 -2.60 1.10
C TYR B 192 -11.90 -1.25 1.70
N LEU B 193 -12.36 -1.02 2.93
CA LEU B 193 -12.09 0.25 3.64
C LEU B 193 -11.10 0.01 4.75
N SER B 194 -9.96 0.71 4.72
CA SER B 194 -8.99 0.71 5.84
C SER B 194 -9.35 1.84 6.77
N MET B 195 -9.42 1.55 8.07
CA MET B 195 -9.57 2.59 9.10
C MET B 195 -8.26 2.54 9.84
N GLY B 196 -7.44 3.58 9.69
CA GLY B 196 -6.03 3.50 10.08
C GLY B 196 -5.32 2.86 8.91
N SER B 197 -4.07 2.42 9.12
CA SER B 197 -3.41 1.61 8.11
C SER B 197 -2.69 0.35 8.66
N VAL B 198 -1.36 0.39 8.80
CA VAL B 198 -0.59 -0.78 9.30
C VAL B 198 -0.70 -0.89 10.83
N SER B 199 -1.00 -2.10 11.29
CA SER B 199 -1.09 -2.37 12.72
C SER B 199 0.09 -3.21 13.15
N MET B 200 0.95 -2.64 14.01
CA MET B 200 2.04 -3.42 14.63
C MET B 200 2.84 -4.27 13.62
N GLY B 201 3.14 -3.68 12.47
CA GLY B 201 3.97 -4.35 11.47
C GLY B 201 3.42 -5.60 10.86
N ILE B 202 2.12 -5.86 11.00
CA ILE B 202 1.48 -7.07 10.44
C ILE B 202 1.36 -6.98 8.92
N GLY B 203 1.92 -7.97 8.21
CA GLY B 203 1.96 -8.02 6.73
C GLY B 203 0.64 -7.74 6.02
N GLY B 204 -0.38 -8.53 6.36
CA GLY B 204 -1.75 -8.32 5.81
C GLY B 204 -2.36 -6.94 6.09
N SER B 205 -1.81 -6.22 7.07
CA SER B 205 -2.24 -4.84 7.33
C SER B 205 -1.48 -3.82 6.48
N ILE B 206 -0.49 -4.28 5.72
CA ILE B 206 0.15 -3.40 4.74
C ILE B 206 -0.65 -3.62 3.45
N VAL B 207 -1.69 -2.82 3.25
CA VAL B 207 -2.70 -3.14 2.25
C VAL B 207 -2.17 -2.99 0.82
N ASN B 208 -2.37 -4.04 0.04
CA ASN B 208 -1.90 -4.05 -1.32
C ASN B 208 -3.03 -3.86 -2.31
N PRO B 209 -3.17 -2.64 -2.85
CA PRO B 209 -4.29 -2.31 -3.75
C PRO B 209 -4.23 -3.08 -5.09
N ASP B 210 -3.03 -3.43 -5.56
CA ASP B 210 -2.89 -4.28 -6.75
C ASP B 210 -3.62 -5.63 -6.62
N PHE B 211 -3.51 -6.25 -5.46
CA PHE B 211 -4.24 -7.48 -5.20
C PHE B 211 -5.77 -7.27 -5.36
N PHE B 212 -6.33 -6.28 -4.68
CA PHE B 212 -7.79 -6.04 -4.78
C PHE B 212 -8.23 -5.71 -6.22
N GLN B 213 -7.54 -4.75 -6.83
CA GLN B 213 -7.86 -4.36 -8.19
C GLN B 213 -7.78 -5.53 -9.17
N GLU B 214 -6.62 -6.19 -9.25
CA GLU B 214 -6.35 -7.19 -10.29
C GLU B 214 -7.16 -8.46 -10.11
N TYR B 215 -7.16 -9.00 -8.88
CA TYR B 215 -7.72 -10.33 -8.64
C TYR B 215 -9.22 -10.30 -8.35
N LEU B 216 -9.69 -9.29 -7.61
CA LEU B 216 -11.08 -9.28 -7.09
C LEU B 216 -12.00 -8.24 -7.74
N GLY B 217 -11.43 -7.33 -8.53
CA GLY B 217 -12.20 -6.29 -9.18
C GLY B 217 -12.62 -5.23 -8.18
N MET B 218 -11.82 -5.06 -7.13
CA MET B 218 -12.21 -4.25 -6.00
C MET B 218 -11.43 -2.96 -5.85
N ARG B 219 -12.06 -1.98 -5.21
CA ARG B 219 -11.45 -0.69 -4.92
C ARG B 219 -10.92 -0.66 -3.48
N ASN B 220 -10.01 0.27 -3.19
CA ASN B 220 -9.53 0.45 -1.84
C ASN B 220 -9.83 1.85 -1.35
N GLU B 221 -10.50 1.94 -0.20
CA GLU B 221 -10.79 3.20 0.47
C GLU B 221 -10.03 3.27 1.78
N SER B 222 -9.71 4.48 2.23
CA SER B 222 -9.17 4.61 3.57
C SER B 222 -9.53 5.91 4.29
N VAL B 223 -9.63 5.78 5.62
CA VAL B 223 -9.72 6.91 6.51
C VAL B 223 -8.75 6.69 7.66
N ASP B 224 -8.10 7.77 8.07
CA ASP B 224 -7.33 7.81 9.32
C ASP B 224 -8.30 7.69 10.49
N MET B 225 -7.87 7.05 11.58
CA MET B 225 -8.77 6.84 12.71
C MET B 225 -9.21 8.13 13.40
N THR B 226 -8.55 9.26 13.10
CA THR B 226 -9.02 10.51 13.68
C THR B 226 -10.46 10.85 13.24
N GLU B 227 -10.91 10.26 12.13
CA GLU B 227 -12.32 10.35 11.72
C GLU B 227 -13.31 9.92 12.83
N PHE B 228 -12.95 8.94 13.66
CA PHE B 228 -13.87 8.50 14.71
C PHE B 228 -13.99 9.61 15.76
N THR B 229 -12.83 10.11 16.17
CA THR B 229 -12.74 11.24 17.07
C THR B 229 -13.56 12.44 16.57
N ARG B 230 -13.36 12.80 15.30
CA ARG B 230 -14.07 13.90 14.67
C ARG B 230 -15.59 13.68 14.73
N ARG B 231 -16.04 12.49 14.39
CA ARG B 231 -17.47 12.19 14.42
C ARG B 231 -18.06 12.21 15.83
N MET B 232 -17.30 11.69 16.80
CA MET B 232 -17.67 11.73 18.22
C MET B 232 -17.77 13.17 18.74
N ASP B 233 -16.74 13.98 18.54
CA ASP B 233 -16.75 15.38 19.00
C ASP B 233 -17.81 16.25 18.31
N ARG B 234 -18.14 15.96 17.06
CA ARG B 234 -19.04 16.84 16.29
C ARG B 234 -20.46 16.32 16.17
N GLY B 235 -20.76 15.18 16.77
CA GLY B 235 -22.13 14.64 16.76
C GLY B 235 -22.53 14.01 15.44
N ILE B 236 -21.57 13.52 14.67
CA ILE B 236 -21.85 12.95 13.35
C ILE B 236 -22.16 11.46 13.52
N TYR B 237 -23.28 11.22 14.19
CA TYR B 237 -23.87 9.89 14.38
C TYR B 237 -25.30 10.15 14.80
N ASP B 238 -26.12 9.10 14.80
CA ASP B 238 -27.53 9.21 15.08
C ASP B 238 -27.79 9.20 16.59
N PRO B 239 -28.22 10.34 17.17
CA PRO B 239 -28.30 10.41 18.65
C PRO B 239 -29.49 9.63 19.20
N GLU B 240 -30.55 9.54 18.40
CA GLU B 240 -31.71 8.74 18.73
C GLU B 240 -31.34 7.27 18.71
N GLU B 241 -30.58 6.86 17.69
CA GLU B 241 -30.08 5.49 17.70
C GLU B 241 -29.19 5.25 18.92
N PHE B 242 -28.33 6.22 19.24
CA PHE B 242 -27.46 6.02 20.37
C PHE B 242 -28.25 5.70 21.64
N GLU B 243 -29.31 6.47 21.91
CA GLU B 243 -30.13 6.24 23.10
C GLU B 243 -30.76 4.86 23.12
N ARG B 244 -31.23 4.38 21.97
CA ARG B 244 -31.76 3.01 21.94
C ARG B 244 -30.67 1.97 22.19
N ALA B 245 -29.50 2.18 21.57
CA ALA B 245 -28.40 1.23 21.66
C ALA B 245 -27.94 1.07 23.11
N LEU B 246 -27.80 2.21 23.80
CA LEU B 246 -27.41 2.21 25.20
C LEU B 246 -28.43 1.47 26.06
N LYS B 247 -29.70 1.69 25.82
CA LYS B 247 -30.73 0.94 26.55
C LYS B 247 -30.55 -0.56 26.33
N TRP B 248 -30.39 -0.96 25.07
CA TRP B 248 -30.25 -2.36 24.67
C TRP B 248 -28.98 -3.02 25.24
N VAL B 249 -27.85 -2.31 25.15
CA VAL B 249 -26.58 -2.80 25.71
C VAL B 249 -26.72 -3.08 27.23
N LYS B 250 -27.24 -2.08 27.96
CA LYS B 250 -27.54 -2.23 29.39
C LYS B 250 -28.34 -3.46 29.67
N GLU B 251 -29.26 -3.81 28.78
CA GLU B 251 -30.13 -4.94 28.99
C GLU B 251 -29.61 -6.30 28.51
N ASN B 252 -28.73 -6.31 27.49
CA ASN B 252 -28.37 -7.57 26.84
C ASN B 252 -26.92 -7.97 27.00
N VAL B 253 -26.07 -6.99 27.29
CA VAL B 253 -24.62 -7.20 27.23
C VAL B 253 -24.07 -7.26 28.65
N LYS B 254 -23.59 -8.43 29.10
CA LYS B 254 -23.04 -8.57 30.46
C LYS B 254 -21.54 -8.25 30.48
N GLU B 255 -21.20 -7.21 31.22
CA GLU B 255 -19.81 -6.89 31.46
C GLU B 255 -19.17 -8.05 32.20
N GLY B 256 -17.90 -8.34 31.90
CA GLY B 256 -17.26 -9.52 32.43
C GLY B 256 -16.37 -9.24 33.62
N PHE B 257 -15.73 -10.29 34.14
CA PHE B 257 -14.82 -10.15 35.28
C PHE B 257 -13.61 -9.31 34.85
N ASP B 258 -13.15 -8.42 35.73
CA ASP B 258 -11.97 -7.56 35.48
C ASP B 258 -10.66 -8.20 35.91
N HIS B 259 -9.79 -8.54 34.96
CA HIS B 259 -8.49 -9.16 35.25
C HIS B 259 -7.35 -8.15 35.39
N ASN B 260 -7.67 -6.86 35.33
CA ASN B 260 -6.58 -5.88 35.31
C ASN B 260 -5.78 -5.89 36.59
N ARG B 261 -4.50 -5.51 36.55
CA ARG B 261 -3.79 -5.36 37.81
C ARG B 261 -4.42 -4.22 38.61
N GLU B 262 -4.25 -4.32 39.93
CA GLU B 262 -4.96 -3.44 40.84
C GLU B 262 -4.87 -1.93 40.48
N ASP B 263 -3.66 -1.43 40.24
CA ASP B 263 -3.49 -0.02 39.90
C ASP B 263 -4.00 0.38 38.48
N LEU B 264 -4.46 -0.58 37.69
CA LEU B 264 -4.96 -0.26 36.35
C LEU B 264 -6.46 -0.34 36.23
N VAL B 265 -7.10 -1.01 37.19
CA VAL B 265 -8.56 -1.19 37.19
C VAL B 265 -9.29 0.16 37.13
N LEU B 266 -10.21 0.31 36.18
CA LEU B 266 -10.94 1.57 36.05
C LEU B 266 -12.12 1.60 37.02
N SER B 267 -12.55 2.80 37.41
CA SER B 267 -13.76 2.98 38.21
C SER B 267 -15.02 2.67 37.39
N ARG B 268 -16.11 2.43 38.12
CA ARG B 268 -17.42 2.22 37.51
C ARG B 268 -17.79 3.37 36.56
N GLU B 269 -17.51 4.60 36.98
CA GLU B 269 -17.86 5.80 36.20
C GLU B 269 -17.10 5.82 34.88
N GLU B 270 -15.83 5.44 34.92
CA GLU B 270 -15.03 5.43 33.72
C GLU B 270 -15.48 4.28 32.80
N LYS B 271 -15.78 3.12 33.38
CA LYS B 271 -16.27 1.99 32.59
C LYS B 271 -17.57 2.34 31.87
N ASP B 272 -18.47 3.03 32.56
CA ASP B 272 -19.74 3.45 31.95
C ASP B 272 -19.54 4.42 30.78
N ARG B 273 -18.58 5.34 30.93
CA ARG B 273 -18.28 6.28 29.87
C ARG B 273 -17.71 5.53 28.65
N GLN B 274 -16.85 4.54 28.93
CA GLN B 274 -16.26 3.74 27.87
C GLN B 274 -17.30 2.84 27.20
N TRP B 275 -18.32 2.41 27.92
CA TRP B 275 -19.42 1.67 27.27
C TRP B 275 -20.10 2.53 26.21
N GLU B 276 -20.30 3.79 26.54
CA GLU B 276 -20.93 4.73 25.60
C GLU B 276 -20.04 4.98 24.39
N PHE B 277 -18.76 5.12 24.67
CA PHE B 277 -17.75 5.39 23.66
C PHE B 277 -17.72 4.24 22.65
N VAL B 278 -17.61 3.00 23.14
CA VAL B 278 -17.53 1.87 22.23
C VAL B 278 -18.79 1.68 21.38
N ILE B 279 -19.97 1.98 21.93
CA ILE B 279 -21.21 1.92 21.19
C ILE B 279 -21.16 2.90 20.00
N LYS B 280 -20.71 4.12 20.27
CA LYS B 280 -20.51 5.09 19.21
C LYS B 280 -19.49 4.63 18.15
N MET B 281 -18.39 4.01 18.58
CA MET B 281 -17.47 3.43 17.62
C MET B 281 -18.21 2.46 16.69
N PHE B 282 -19.01 1.56 17.25
CA PHE B 282 -19.77 0.63 16.40
C PHE B 282 -20.59 1.37 15.33
N MET B 283 -21.39 2.34 15.77
CA MET B 283 -22.25 3.11 14.87
C MET B 283 -21.45 3.80 13.77
N ILE B 284 -20.31 4.38 14.14
CA ILE B 284 -19.50 5.13 13.20
C ILE B 284 -18.82 4.22 12.18
N GLY B 285 -18.25 3.10 12.64
CA GLY B 285 -17.62 2.15 11.75
C GLY B 285 -18.61 1.60 10.73
N ARG B 286 -19.79 1.27 11.22
CA ARG B 286 -20.85 0.78 10.36
C ARG B 286 -21.27 1.88 9.38
N ASP B 287 -21.40 3.11 9.87
CA ASP B 287 -21.74 4.26 9.03
C ASP B 287 -20.66 4.48 7.95
N LEU B 288 -19.37 4.48 8.33
CA LEU B 288 -18.27 4.56 7.37
C LEU B 288 -18.34 3.52 6.24
N MET B 289 -18.66 2.29 6.60
CA MET B 289 -18.72 1.19 5.62
C MET B 289 -19.83 1.35 4.58
N VAL B 290 -21.05 1.58 5.04
CA VAL B 290 -22.19 1.47 4.14
C VAL B 290 -23.06 2.72 4.05
N GLY B 291 -22.72 3.78 4.77
CA GLY B 291 -23.55 4.99 4.80
C GLY B 291 -24.78 4.86 5.71
N ASN B 292 -25.48 5.98 5.83
CA ASN B 292 -26.64 6.08 6.73
C ASN B 292 -27.50 7.29 6.33
N PRO B 293 -28.74 7.04 5.87
CA PRO B 293 -29.60 8.17 5.46
C PRO B 293 -29.82 9.16 6.61
N ARG B 294 -29.86 8.66 7.84
CA ARG B 294 -30.03 9.51 9.01
C ARG B 294 -28.98 10.62 9.08
N LEU B 295 -27.74 10.32 8.68
CA LEU B 295 -26.69 11.34 8.70
C LEU B 295 -27.01 12.52 7.78
N ALA B 296 -27.63 12.21 6.64
CA ALA B 296 -28.05 13.26 5.71
C ALA B 296 -29.11 14.17 6.38
N GLU B 297 -30.15 13.58 6.97
CA GLU B 297 -31.17 14.32 7.76
C GLU B 297 -30.59 15.21 8.81
N LEU B 298 -29.53 14.75 9.46
CA LEU B 298 -28.87 15.48 10.50
C LEU B 298 -27.96 16.58 9.95
N GLY B 299 -27.87 16.68 8.63
CA GLY B 299 -27.07 17.74 8.02
C GLY B 299 -25.62 17.37 7.70
N PHE B 300 -25.34 16.08 7.61
CA PHE B 300 -23.99 15.60 7.28
C PHE B 300 -24.06 14.76 6.01
N GLU B 301 -24.35 15.41 4.89
CA GLU B 301 -24.63 14.70 3.65
C GLU B 301 -23.41 14.02 3.09
N GLU B 302 -22.23 14.60 3.29
CA GLU B 302 -21.03 13.98 2.72
C GLU B 302 -20.82 12.60 3.38
N GLU B 303 -20.95 12.57 4.70
CA GLU B 303 -20.73 11.37 5.51
C GLU B 303 -21.86 10.38 5.31
N ALA B 304 -23.04 10.85 4.91
CA ALA B 304 -24.19 9.94 4.80
C ALA B 304 -23.95 8.87 3.76
N VAL B 305 -22.97 9.08 2.92
CA VAL B 305 -22.82 8.21 1.75
C VAL B 305 -22.00 6.92 2.02
N GLY B 306 -21.05 6.96 2.96
CA GLY B 306 -20.20 5.78 3.23
C GLY B 306 -19.05 5.58 2.23
N HIS B 307 -18.42 4.39 2.29
CA HIS B 307 -17.27 4.10 1.47
C HIS B 307 -17.42 2.87 0.57
N HIS B 308 -18.67 2.48 0.29
CA HIS B 308 -19.00 1.40 -0.63
C HIS B 308 -18.28 0.10 -0.25
N ALA B 309 -18.22 -0.16 1.05
CA ALA B 309 -17.36 -1.21 1.61
C ALA B 309 -18.08 -2.54 1.88
N LEU B 310 -17.70 -3.59 1.15
CA LEU B 310 -18.21 -4.92 1.40
C LEU B 310 -17.44 -5.60 2.53
N VAL B 311 -16.27 -5.05 2.85
CA VAL B 311 -15.41 -5.56 3.91
C VAL B 311 -14.54 -4.40 4.36
N ALA B 312 -14.07 -4.46 5.60
CA ALA B 312 -13.32 -3.36 6.16
C ALA B 312 -12.50 -3.83 7.35
N GLY B 313 -11.63 -2.94 7.85
CA GLY B 313 -10.75 -3.26 8.93
C GLY B 313 -10.42 -2.04 9.76
N PHE B 314 -10.14 -2.28 11.03
CA PHE B 314 -9.75 -1.24 11.98
C PHE B 314 -8.35 -1.55 12.49
N GLN B 315 -7.44 -0.60 12.31
CA GLN B 315 -6.06 -0.77 12.70
C GLN B 315 -5.97 -0.97 14.23
N GLY B 316 -6.59 -0.05 14.96
CA GLY B 316 -6.54 -0.04 16.43
C GLY B 316 -5.15 0.17 16.97
N GLN B 317 -4.46 -0.93 17.20
CA GLN B 317 -3.09 -0.87 17.71
C GLN B 317 -2.10 -0.36 16.68
N ARG B 318 -1.08 0.39 17.13
CA ARG B 318 -0.87 0.74 18.52
C ARG B 318 -1.46 2.10 18.89
N GLN B 319 -1.51 3.03 17.93
CA GLN B 319 -1.74 4.42 18.32
C GLN B 319 -3.16 4.83 18.76
N TRP B 320 -4.19 4.10 18.32
CA TRP B 320 -5.54 4.36 18.83
C TRP B 320 -5.77 3.75 20.22
N THR B 321 -5.48 2.46 20.34
CA THR B 321 -5.73 1.70 21.55
C THR B 321 -4.81 2.15 22.70
N ASP B 322 -3.69 2.78 22.39
CA ASP B 322 -2.88 3.43 23.43
C ASP B 322 -3.63 4.59 24.11
N HIS B 323 -4.67 5.11 23.46
CA HIS B 323 -5.32 6.34 23.90
C HIS B 323 -6.79 6.17 24.24
N PHE B 324 -7.54 5.48 23.37
CA PHE B 324 -8.99 5.40 23.44
C PHE B 324 -9.43 3.95 23.65
N PRO B 325 -10.71 3.73 24.01
CA PRO B 325 -11.16 2.35 24.12
C PRO B 325 -11.03 1.56 22.82
N ASN B 326 -10.65 0.28 22.93
CA ASN B 326 -10.30 -0.52 21.78
C ASN B 326 -11.50 -0.87 20.89
N GLY B 327 -11.23 -1.54 19.77
CA GLY B 327 -12.24 -1.80 18.75
C GLY B 327 -12.95 -3.14 18.92
N ASP B 328 -12.69 -3.82 20.04
CA ASP B 328 -13.27 -5.13 20.32
C ASP B 328 -14.79 -5.14 20.13
N PHE B 329 -15.48 -4.21 20.79
CA PHE B 329 -16.94 -4.20 20.79
C PHE B 329 -17.46 -3.93 19.37
N MET B 330 -16.84 -2.96 18.70
CA MET B 330 -17.18 -2.63 17.32
C MET B 330 -17.03 -3.83 16.39
N GLU B 331 -15.84 -4.44 16.48
CA GLU B 331 -15.49 -5.58 15.65
C GLU B 331 -16.40 -6.76 15.91
N THR B 332 -16.64 -7.04 17.19
CA THR B 332 -17.56 -8.09 17.57
C THR B 332 -18.91 -7.87 16.94
N PHE B 333 -19.47 -6.68 17.14
CA PHE B 333 -20.83 -6.44 16.65
C PHE B 333 -21.04 -6.27 15.15
N LEU B 334 -20.10 -5.62 14.45
CA LEU B 334 -20.10 -5.68 12.99
C LEU B 334 -20.17 -7.15 12.48
N ASN B 335 -19.42 -8.07 13.07
CA ASN B 335 -19.36 -9.44 12.57
C ASN B 335 -20.53 -10.32 13.05
N THR B 336 -21.29 -9.77 14.02
CA THR B 336 -22.40 -10.45 14.64
C THR B 336 -23.67 -10.07 13.88
N GLN B 337 -24.59 -11.04 13.77
CA GLN B 337 -25.82 -10.93 12.96
C GLN B 337 -27.04 -10.29 13.66
N PHE B 338 -26.78 -9.39 14.60
CA PHE B 338 -27.86 -8.62 15.24
C PHE B 338 -27.28 -7.53 16.08
N ASP B 339 -28.09 -6.52 16.33
CA ASP B 339 -27.80 -5.49 17.35
C ASP B 339 -29.15 -4.91 17.83
N TRP B 340 -29.13 -3.71 18.42
CA TRP B 340 -30.37 -3.06 18.86
C TRP B 340 -31.33 -2.76 17.73
N ASN B 341 -30.86 -2.77 16.49
CA ASN B 341 -31.76 -2.48 15.37
C ASN B 341 -32.41 -3.73 14.84
N GLY B 342 -32.01 -4.89 15.34
CA GLY B 342 -32.59 -6.16 14.89
C GLY B 342 -31.59 -7.19 14.38
N ILE B 343 -32.11 -8.33 13.95
CA ILE B 343 -31.33 -9.36 13.29
C ILE B 343 -31.01 -8.90 11.86
N ARG B 344 -29.75 -9.01 11.46
CA ARG B 344 -29.30 -8.53 10.14
C ARG B 344 -28.09 -9.34 9.62
N LYS B 345 -27.69 -9.04 8.39
CA LYS B 345 -26.46 -9.56 7.84
C LYS B 345 -25.25 -9.00 8.62
N PRO B 346 -24.15 -9.74 8.65
CA PRO B 346 -22.96 -9.16 9.27
C PRO B 346 -22.33 -8.17 8.33
N PHE B 347 -21.49 -7.28 8.86
CA PHE B 347 -20.59 -6.48 8.05
C PHE B 347 -19.17 -7.06 8.19
N VAL B 348 -18.65 -7.73 7.14
CA VAL B 348 -17.38 -8.46 7.27
C VAL B 348 -16.24 -7.51 7.66
N PHE B 349 -15.57 -7.78 8.79
CA PHE B 349 -14.68 -6.79 9.40
C PHE B 349 -13.43 -7.41 10.02
N ALA B 350 -12.28 -6.78 9.77
CA ALA B 350 -11.02 -7.34 10.16
C ALA B 350 -10.40 -6.61 11.33
N THR B 351 -9.95 -7.37 12.30
CA THR B 351 -9.16 -6.85 13.42
C THR B 351 -7.78 -6.46 12.90
N GLU B 352 -7.18 -5.44 13.51
CA GLU B 352 -5.81 -5.04 13.24
C GLU B 352 -5.63 -4.62 11.77
N ASN B 353 -6.75 -4.29 11.12
CA ASN B 353 -6.78 -3.98 9.68
C ASN B 353 -6.11 -5.07 8.82
N ASP B 354 -6.23 -6.32 9.24
CA ASP B 354 -5.62 -7.40 8.47
C ASP B 354 -6.51 -7.70 7.24
N SER B 355 -6.29 -6.87 6.22
CA SER B 355 -7.02 -6.92 4.97
C SER B 355 -7.12 -8.33 4.35
N LEU B 356 -6.02 -9.08 4.41
CA LEU B 356 -5.96 -10.44 3.88
C LEU B 356 -6.82 -11.40 4.68
N ASN B 357 -6.85 -11.23 6.00
CA ASN B 357 -7.80 -12.03 6.77
C ASN B 357 -9.23 -11.65 6.45
N GLY B 358 -9.44 -10.34 6.25
CA GLY B 358 -10.73 -9.77 5.86
C GLY B 358 -11.25 -10.40 4.57
N VAL B 359 -10.39 -10.49 3.57
CA VAL B 359 -10.76 -11.12 2.30
C VAL B 359 -10.96 -12.64 2.46
N SER B 360 -10.18 -13.28 3.34
CA SER B 360 -10.38 -14.71 3.63
C SER B 360 -11.77 -14.91 4.23
N MET B 361 -12.18 -14.02 5.15
CA MET B 361 -13.52 -14.07 5.74
C MET B 361 -14.56 -13.80 4.69
N LEU B 362 -14.24 -12.90 3.76
CA LEU B 362 -15.20 -12.55 2.71
C LEU B 362 -15.50 -13.70 1.74
N PHE B 363 -14.45 -14.39 1.33
CA PHE B 363 -14.59 -15.58 0.52
C PHE B 363 -15.59 -16.53 1.18
N ASN B 364 -15.33 -16.85 2.46
CA ASN B 364 -16.19 -17.72 3.26
C ASN B 364 -17.61 -17.22 3.31
N TYR B 365 -17.75 -15.93 3.60
CA TYR B 365 -19.02 -15.34 3.75
C TYR B 365 -19.80 -15.42 2.43
N LEU B 366 -19.16 -15.06 1.32
CA LEU B 366 -19.92 -14.96 0.07
C LEU B 366 -20.31 -16.34 -0.41
N LEU B 367 -19.53 -17.35 0.01
CA LEU B 367 -19.85 -18.72 -0.36
C LEU B 367 -20.97 -19.35 0.49
N THR B 368 -21.28 -18.77 1.65
CA THR B 368 -22.10 -19.47 2.66
C THR B 368 -23.25 -18.65 3.21
N ASN B 369 -23.18 -17.33 3.07
CA ASN B 369 -24.11 -16.42 3.73
C ASN B 369 -24.10 -16.61 5.25
N THR B 370 -22.97 -17.09 5.78
CA THR B 370 -22.81 -17.20 7.22
C THR B 370 -21.74 -16.27 7.75
N PRO B 371 -21.89 -15.80 9.00
CA PRO B 371 -20.89 -14.92 9.61
C PRO B 371 -19.57 -15.65 9.88
N GLN B 372 -18.51 -14.91 10.16
CA GLN B 372 -17.17 -15.44 10.08
C GLN B 372 -16.33 -15.13 11.32
N ILE B 373 -15.61 -16.15 11.77
CA ILE B 373 -14.69 -16.01 12.89
C ILE B 373 -13.32 -15.48 12.45
N PHE B 374 -12.86 -14.42 13.09
CA PHE B 374 -11.51 -13.91 12.91
C PHE B 374 -10.70 -14.43 14.11
N ALA B 375 -9.60 -15.15 13.90
CA ALA B 375 -8.81 -15.69 15.03
C ALA B 375 -7.31 -15.59 14.89
N ASP B 376 -6.60 -15.49 16.02
CA ASP B 376 -5.17 -15.78 16.06
C ASP B 376 -5.00 -17.26 16.17
N VAL B 377 -4.03 -17.80 15.44
CA VAL B 377 -3.71 -19.21 15.54
C VAL B 377 -2.67 -19.19 16.64
N ARG B 378 -3.17 -19.28 17.86
CA ARG B 378 -2.41 -18.90 19.04
C ARG B 378 -1.46 -19.98 19.53
N THR B 379 -1.93 -21.23 19.57
CA THR B 379 -1.09 -22.31 20.13
C THR B 379 -1.37 -23.64 19.45
N TYR B 380 -0.32 -24.43 19.24
CA TYR B 380 -0.54 -25.83 18.92
C TYR B 380 -0.37 -26.66 20.20
N TRP B 381 -1.39 -27.46 20.52
CA TRP B 381 -1.36 -28.33 21.69
C TRP B 381 -1.15 -29.77 21.27
N SER B 382 0.07 -30.28 21.44
CA SER B 382 0.33 -31.73 21.20
C SER B 382 -0.33 -32.62 22.27
N PRO B 383 -0.59 -33.91 21.93
CA PRO B 383 -1.13 -34.82 22.96
C PRO B 383 -0.23 -34.84 24.20
N GLU B 384 1.09 -34.83 23.96
CA GLU B 384 2.10 -34.92 25.00
C GLU B 384 2.06 -33.71 25.92
N ALA B 385 1.94 -32.51 25.34
CA ALA B 385 1.87 -31.27 26.10
C ALA B 385 0.58 -31.22 26.89
N VAL B 386 -0.52 -31.69 26.30
CA VAL B 386 -1.77 -31.74 27.03
C VAL B 386 -1.64 -32.70 28.23
N LYS B 387 -1.02 -33.85 27.98
CA LYS B 387 -0.78 -34.84 29.00
C LYS B 387 0.05 -34.22 30.14
N ARG B 388 1.21 -33.65 29.82
CA ARG B 388 2.04 -33.03 30.83
C ARG B 388 1.34 -31.92 31.62
N VAL B 389 0.49 -31.13 30.97
CA VAL B 389 -0.10 -29.95 31.64
C VAL B 389 -1.40 -30.27 32.41
N THR B 390 -2.10 -31.34 32.04
CA THR B 390 -3.43 -31.59 32.61
C THR B 390 -3.60 -33.00 33.14
N GLY B 391 -2.73 -33.92 32.74
CA GLY B 391 -2.91 -35.33 33.08
C GLY B 391 -3.82 -36.09 32.14
N HIS B 392 -4.51 -35.38 31.25
CA HIS B 392 -5.49 -36.00 30.37
C HIS B 392 -4.87 -36.57 29.09
N THR B 393 -5.43 -37.71 28.67
CA THR B 393 -5.11 -38.29 27.38
C THR B 393 -6.25 -37.97 26.45
N LEU B 394 -5.95 -37.23 25.38
CA LEU B 394 -6.95 -36.75 24.43
C LEU B 394 -7.50 -37.91 23.64
N GLU B 395 -8.79 -37.87 23.35
CA GLU B 395 -9.40 -38.91 22.52
C GLU B 395 -10.45 -38.33 21.57
N GLY B 396 -11.02 -39.19 20.72
CA GLY B 396 -11.91 -38.72 19.66
C GLY B 396 -11.15 -37.81 18.68
N ARG B 397 -11.85 -36.78 18.23
CA ARG B 397 -11.35 -35.84 17.26
C ARG B 397 -10.15 -35.05 17.78
N ALA B 398 -9.97 -34.99 19.09
CA ALA B 398 -8.85 -34.24 19.63
C ALA B 398 -7.61 -35.09 19.77
N ALA B 399 -7.75 -36.40 19.52
CA ALA B 399 -6.69 -37.40 19.83
C ALA B 399 -5.31 -37.05 19.25
N ALA B 400 -5.30 -36.41 18.07
CA ALA B 400 -4.06 -36.06 17.35
C ALA B 400 -3.51 -34.66 17.71
N GLY B 401 -4.17 -33.96 18.62
CA GLY B 401 -3.70 -32.64 19.04
C GLY B 401 -4.65 -31.64 18.43
N PHE B 402 -4.41 -30.35 18.68
CA PHE B 402 -5.33 -29.32 18.18
C PHE B 402 -4.75 -27.92 18.27
N LEU B 403 -5.49 -26.99 17.70
CA LEU B 403 -5.05 -25.62 17.62
C LEU B 403 -5.96 -24.80 18.50
N HIS B 404 -5.35 -23.90 19.26
CA HIS B 404 -6.09 -22.90 20.00
C HIS B 404 -6.34 -21.66 19.13
N LEU B 405 -7.59 -21.45 18.77
CA LEU B 405 -7.98 -20.34 17.94
C LEU B 405 -8.66 -19.27 18.80
N ILE B 406 -8.08 -18.09 18.84
CA ILE B 406 -8.51 -17.09 19.80
C ILE B 406 -7.98 -15.72 19.36
N ASN B 407 -8.91 -14.86 18.95
CA ASN B 407 -8.58 -13.51 18.54
C ASN B 407 -8.29 -12.56 19.73
N SER B 408 -7.54 -11.49 19.49
CA SER B 408 -7.13 -10.58 20.56
C SER B 408 -8.24 -9.64 21.05
N GLY B 409 -9.46 -10.17 21.17
CA GLY B 409 -10.52 -9.47 21.85
C GLY B 409 -11.91 -9.59 21.24
N SER B 410 -12.00 -9.78 19.93
CA SER B 410 -13.31 -9.76 19.28
C SER B 410 -13.63 -10.99 18.47
N CYS B 411 -14.92 -11.24 18.29
CA CYS B 411 -15.38 -12.37 17.48
C CYS B 411 -16.88 -12.34 17.37
N THR B 412 -17.40 -12.72 16.21
CA THR B 412 -18.82 -12.81 15.99
C THR B 412 -19.47 -13.63 17.10
N LEU B 413 -20.51 -13.08 17.71
CA LEU B 413 -21.27 -13.85 18.74
C LEU B 413 -21.87 -15.11 18.15
N ASP B 414 -22.21 -15.06 16.86
CA ASP B 414 -22.60 -16.27 16.12
C ASP B 414 -21.58 -17.40 16.29
N GLY B 415 -20.32 -17.04 16.46
CA GLY B 415 -19.26 -18.03 16.67
C GLY B 415 -19.29 -18.80 17.99
N THR B 416 -20.23 -18.47 18.88
CA THR B 416 -20.52 -19.30 20.06
C THR B 416 -20.98 -20.70 19.62
N GLY B 417 -21.58 -20.78 18.45
CA GLY B 417 -22.16 -22.02 17.96
C GLY B 417 -23.48 -22.34 18.65
N GLN B 418 -24.14 -21.31 19.19
CA GLN B 418 -25.39 -21.49 19.92
C GLN B 418 -26.60 -21.73 18.99
N ALA B 419 -26.56 -21.27 17.74
CA ALA B 419 -27.59 -21.68 16.78
C ALA B 419 -27.52 -23.20 16.55
N THR B 420 -28.67 -23.80 16.28
CA THR B 420 -28.79 -25.26 16.26
C THR B 420 -29.60 -25.72 15.08
N ARG B 421 -29.22 -26.88 14.55
CA ARG B 421 -29.99 -27.60 13.53
C ARG B 421 -29.76 -29.10 13.73
N ASP B 422 -30.86 -29.86 13.81
CA ASP B 422 -30.89 -31.32 14.11
C ASP B 422 -30.07 -31.68 15.33
N GLY B 423 -30.22 -30.87 16.38
CA GLY B 423 -29.49 -31.07 17.62
C GLY B 423 -28.01 -30.76 17.58
N LYS B 424 -27.52 -30.22 16.46
CA LYS B 424 -26.09 -29.92 16.29
C LYS B 424 -25.81 -28.43 16.25
N PRO B 425 -24.66 -27.98 16.82
CA PRO B 425 -24.30 -26.55 16.80
C PRO B 425 -23.87 -26.11 15.39
N ILE B 426 -24.27 -24.90 14.99
CA ILE B 426 -23.97 -24.41 13.65
C ILE B 426 -23.94 -22.90 13.65
N MET B 427 -23.60 -22.33 12.50
CA MET B 427 -23.74 -20.91 12.28
C MET B 427 -24.63 -20.76 11.06
N LYS B 428 -25.54 -19.79 11.11
CA LYS B 428 -26.66 -19.74 10.17
C LYS B 428 -26.67 -18.42 9.41
N PRO B 429 -27.31 -18.39 8.24
CA PRO B 429 -27.63 -17.10 7.63
C PRO B 429 -28.62 -16.34 8.50
N PHE B 430 -28.48 -15.02 8.56
CA PHE B 430 -29.29 -14.22 9.49
C PHE B 430 -30.80 -14.49 9.44
N TRP B 431 -31.34 -14.81 8.26
CA TRP B 431 -32.80 -14.98 8.10
C TRP B 431 -33.30 -16.32 8.65
N GLU B 432 -32.38 -17.17 9.08
CA GLU B 432 -32.74 -18.44 9.69
C GLU B 432 -32.57 -18.40 11.20
N LEU B 433 -32.09 -17.28 11.73
CA LEU B 433 -31.84 -17.19 13.15
C LEU B 433 -33.13 -17.06 13.95
N GLU B 434 -33.33 -17.92 14.95
CA GLU B 434 -34.47 -17.79 15.87
C GLU B 434 -34.11 -16.92 17.08
N GLU B 435 -35.11 -16.25 17.63
CA GLU B 435 -34.94 -15.42 18.84
C GLU B 435 -34.28 -16.15 20.00
N SER B 436 -34.64 -17.42 20.22
CA SER B 436 -34.00 -18.21 21.27
C SER B 436 -32.47 -18.35 21.04
N GLU B 437 -32.09 -18.46 19.77
CA GLU B 437 -30.68 -18.60 19.37
C GLU B 437 -29.86 -17.34 19.64
N VAL B 438 -30.43 -16.18 19.28
CA VAL B 438 -29.84 -14.87 19.60
C VAL B 438 -29.64 -14.71 21.11
N GLN B 439 -30.69 -14.99 21.88
CA GLN B 439 -30.63 -14.97 23.34
C GLN B 439 -29.57 -15.93 23.87
N ALA B 440 -29.56 -17.16 23.37
CA ALA B 440 -28.49 -18.09 23.73
C ALA B 440 -27.09 -17.50 23.48
N MET B 441 -26.89 -16.80 22.36
CA MET B 441 -25.54 -16.26 22.05
C MET B 441 -25.16 -15.24 23.10
N LEU B 442 -26.09 -14.33 23.39
CA LEU B 442 -25.88 -13.26 24.37
C LEU B 442 -25.70 -13.81 25.78
N GLU B 443 -26.46 -14.84 26.12
CA GLU B 443 -26.37 -15.48 27.43
C GLU B 443 -25.08 -16.22 27.65
N ASN B 444 -24.46 -16.71 26.58
CA ASN B 444 -23.22 -17.45 26.72
C ASN B 444 -21.95 -16.66 26.47
N THR B 445 -22.07 -15.33 26.58
CA THR B 445 -20.99 -14.42 26.29
C THR B 445 -20.96 -13.34 27.34
N ASP B 446 -19.76 -12.96 27.77
CA ASP B 446 -19.64 -11.75 28.55
C ASP B 446 -18.52 -10.87 27.99
N PHE B 447 -18.38 -9.67 28.54
CA PHE B 447 -17.50 -8.67 27.97
C PHE B 447 -16.57 -8.10 29.02
N PRO B 448 -15.42 -8.78 29.25
CA PRO B 448 -14.48 -8.33 30.26
C PRO B 448 -13.83 -7.01 29.87
N PRO B 449 -13.59 -6.11 30.83
CA PRO B 449 -12.74 -4.93 30.57
C PRO B 449 -11.42 -5.30 29.89
N ALA B 450 -11.02 -4.49 28.93
CA ALA B 450 -9.77 -4.69 28.21
C ALA B 450 -8.58 -4.72 29.16
N ASN B 451 -7.60 -5.57 28.84
CA ASN B 451 -6.35 -5.57 29.58
C ASN B 451 -5.57 -4.29 29.31
N ARG B 452 -5.47 -3.43 30.32
CA ARG B 452 -4.90 -2.12 30.14
C ARG B 452 -3.37 -2.08 30.00
N GLU B 453 -2.71 -3.20 30.19
CA GLU B 453 -1.29 -3.31 29.84
C GLU B 453 -1.05 -3.40 28.32
N TYR B 454 -2.06 -3.87 27.58
CA TYR B 454 -2.00 -3.96 26.14
C TYR B 454 -2.86 -2.88 25.49
N PHE B 455 -3.96 -2.54 26.17
CA PHE B 455 -4.96 -1.61 25.65
C PHE B 455 -5.22 -0.54 26.68
N ARG B 456 -4.28 0.40 26.78
CA ARG B 456 -4.30 1.44 27.78
C ARG B 456 -5.60 2.27 27.76
N GLY B 457 -6.14 2.54 26.56
CA GLY B 457 -7.34 3.35 26.41
C GLY B 457 -8.61 2.64 26.84
N GLY B 458 -8.51 1.33 27.09
CA GLY B 458 -9.61 0.57 27.66
C GLY B 458 -10.51 -0.08 26.62
N GLY B 459 -11.81 -0.09 26.92
CA GLY B 459 -12.79 -0.87 26.14
C GLY B 459 -13.13 -2.19 26.81
N PHE B 460 -13.79 -3.07 26.06
CA PHE B 460 -14.22 -4.38 26.59
C PHE B 460 -14.05 -5.47 25.54
N SER B 461 -13.41 -6.57 25.91
CA SER B 461 -13.24 -7.69 25.01
C SER B 461 -14.50 -8.55 24.98
N THR B 462 -14.47 -9.57 24.14
CA THR B 462 -15.59 -10.50 23.98
C THR B 462 -15.12 -11.86 24.42
N ARG B 463 -15.96 -12.55 25.19
CA ARG B 463 -15.52 -13.83 25.75
C ARG B 463 -16.59 -14.91 25.76
N PHE B 464 -16.29 -16.01 25.09
CA PHE B 464 -17.19 -17.15 25.03
C PHE B 464 -16.36 -18.36 24.66
N LEU B 465 -16.99 -19.52 24.69
CA LEU B 465 -16.39 -20.75 24.20
C LEU B 465 -17.26 -21.37 23.09
N THR B 466 -16.66 -21.58 21.93
CA THR B 466 -17.34 -22.15 20.79
C THR B 466 -17.67 -23.61 21.09
N LYS B 467 -18.93 -24.00 20.85
CA LYS B 467 -19.34 -25.38 21.08
C LYS B 467 -18.56 -26.38 20.22
N GLY B 468 -18.38 -27.58 20.78
CA GLY B 468 -17.57 -28.60 20.13
C GLY B 468 -18.38 -29.27 19.06
N ASP B 469 -17.70 -30.06 18.23
CA ASP B 469 -18.36 -30.91 17.25
C ASP B 469 -18.97 -30.20 16.06
N MET B 470 -18.54 -28.97 15.82
CA MET B 470 -19.05 -28.26 14.66
C MET B 470 -18.03 -28.38 13.52
N PRO B 471 -18.49 -28.87 12.34
CA PRO B 471 -17.64 -28.86 11.14
C PRO B 471 -17.35 -27.41 10.75
N VAL B 472 -16.08 -27.11 10.55
CA VAL B 472 -15.62 -25.77 10.18
C VAL B 472 -14.49 -25.88 9.16
N THR B 473 -14.23 -24.77 8.47
CA THR B 473 -13.07 -24.63 7.61
C THR B 473 -12.26 -23.38 8.03
N MET B 474 -10.95 -23.55 8.23
CA MET B 474 -10.04 -22.44 8.49
C MET B 474 -9.34 -22.07 7.19
N VAL B 475 -9.26 -20.78 6.93
CA VAL B 475 -8.94 -20.25 5.60
C VAL B 475 -8.00 -19.06 5.72
N ARG B 476 -6.96 -19.01 4.88
CA ARG B 476 -6.05 -17.86 4.87
C ARG B 476 -5.50 -17.60 3.49
N LEU B 477 -5.65 -16.36 3.03
CA LEU B 477 -4.93 -15.84 1.88
C LEU B 477 -3.62 -15.18 2.32
N ASN B 478 -2.53 -15.51 1.63
CA ASN B 478 -1.24 -14.85 1.87
C ASN B 478 -0.73 -14.27 0.58
N LEU B 479 -0.03 -13.14 0.65
CA LEU B 479 0.62 -12.59 -0.53
C LEU B 479 2.07 -13.09 -0.64
N LEU B 480 2.38 -13.72 -1.75
CA LEU B 480 3.74 -14.19 -2.00
C LEU B 480 4.35 -13.31 -3.08
N LYS B 481 5.48 -12.66 -2.76
CA LYS B 481 6.09 -11.73 -3.65
C LYS B 481 6.53 -12.38 -4.99
N GLY B 482 6.16 -11.73 -6.08
CA GLY B 482 6.51 -12.15 -7.44
C GLY B 482 5.50 -13.13 -7.99
N VAL B 483 4.56 -13.56 -7.15
CA VAL B 483 3.55 -14.56 -7.52
C VAL B 483 2.16 -13.95 -7.32
N GLY B 484 1.94 -13.35 -6.13
CA GLY B 484 0.66 -12.81 -5.73
C GLY B 484 -0.02 -13.62 -4.64
N PRO B 485 -1.37 -13.59 -4.60
CA PRO B 485 -2.08 -14.27 -3.53
C PRO B 485 -2.02 -15.77 -3.69
N VAL B 486 -1.93 -16.49 -2.58
CA VAL B 486 -2.08 -17.93 -2.58
C VAL B 486 -2.99 -18.32 -1.40
N LEU B 487 -3.80 -19.36 -1.58
CA LEU B 487 -4.84 -19.70 -0.63
C LEU B 487 -4.53 -21.05 0.12
N GLN B 488 -4.76 -21.05 1.43
CA GLN B 488 -4.68 -22.27 2.21
C GLN B 488 -5.98 -22.54 2.94
N ILE B 489 -6.31 -23.82 2.99
CA ILE B 489 -7.62 -24.31 3.39
C ILE B 489 -7.37 -25.44 4.38
N ALA B 490 -8.07 -25.43 5.53
CA ALA B 490 -8.01 -26.56 6.43
C ALA B 490 -9.39 -26.87 7.03
N GLU B 491 -10.04 -27.88 6.48
CA GLU B 491 -11.30 -28.38 7.04
C GLU B 491 -11.04 -29.15 8.31
N GLY B 492 -11.99 -29.09 9.24
CA GLY B 492 -11.91 -29.88 10.48
C GLY B 492 -13.14 -29.72 11.38
N TYR B 493 -12.89 -29.70 12.68
CA TYR B 493 -13.99 -29.64 13.64
C TYR B 493 -13.60 -28.83 14.86
N THR B 494 -14.55 -28.07 15.40
CA THR B 494 -14.39 -27.54 16.75
C THR B 494 -14.44 -28.72 17.75
N LEU B 495 -13.81 -28.52 18.90
CA LEU B 495 -13.71 -29.53 19.94
C LEU B 495 -14.37 -29.10 21.25
N GLU B 496 -14.90 -30.10 21.95
CA GLU B 496 -15.28 -29.95 23.34
C GLU B 496 -14.23 -30.69 24.16
N LEU B 497 -13.38 -29.95 24.84
CA LEU B 497 -12.40 -30.56 25.74
C LEU B 497 -13.06 -30.92 27.08
N PRO B 498 -12.45 -31.83 27.87
CA PRO B 498 -12.96 -31.95 29.24
C PRO B 498 -12.89 -30.60 29.95
N GLU B 499 -13.87 -30.32 30.81
CA GLU B 499 -13.98 -29.00 31.42
C GLU B 499 -12.69 -28.53 32.08
N ASP B 500 -12.01 -29.43 32.78
CA ASP B 500 -10.80 -29.07 33.48
C ASP B 500 -9.68 -28.81 32.49
N VAL B 501 -9.64 -29.60 31.41
CA VAL B 501 -8.65 -29.38 30.35
C VAL B 501 -8.85 -27.99 29.76
N HIS B 502 -10.08 -27.69 29.31
CA HIS B 502 -10.37 -26.34 28.85
C HIS B 502 -9.89 -25.25 29.81
N HIS B 503 -10.31 -25.31 31.07
CA HIS B 503 -10.02 -24.24 32.03
C HIS B 503 -8.53 -24.07 32.29
N THR B 504 -7.80 -25.18 32.38
CA THR B 504 -6.36 -25.11 32.57
C THR B 504 -5.69 -24.43 31.40
N LEU B 505 -5.96 -24.92 30.18
CA LEU B 505 -5.33 -24.34 28.98
C LEU B 505 -5.79 -22.90 28.77
N ASP B 506 -7.07 -22.63 28.98
CA ASP B 506 -7.65 -21.29 28.81
C ASP B 506 -6.97 -20.29 29.73
N ASN B 507 -6.77 -20.66 30.98
CA ASN B 507 -6.32 -19.70 31.98
C ASN B 507 -4.82 -19.39 31.92
N ARG B 508 -4.09 -20.31 31.29
CA ARG B 508 -2.68 -20.13 30.94
C ARG B 508 -2.50 -19.18 29.76
N THR B 509 -3.58 -18.82 29.08
CA THR B 509 -3.42 -18.20 27.77
C THR B 509 -3.92 -16.77 27.72
N ASP B 510 -5.22 -16.59 27.51
CA ASP B 510 -5.85 -15.27 27.55
C ASP B 510 -7.34 -15.46 27.82
N PRO B 511 -7.70 -15.73 29.09
CA PRO B 511 -9.07 -16.07 29.46
C PRO B 511 -10.08 -14.92 29.29
N GLY B 512 -9.63 -13.71 28.96
CA GLY B 512 -10.57 -12.62 28.63
C GLY B 512 -11.07 -12.60 27.18
N TRP B 513 -10.53 -13.50 26.34
CA TRP B 513 -10.80 -13.49 24.90
C TRP B 513 -11.61 -14.73 24.47
N PRO B 514 -12.12 -14.73 23.23
CA PRO B 514 -12.99 -15.86 22.86
C PRO B 514 -12.19 -17.05 22.33
N THR B 515 -12.64 -18.27 22.66
CA THR B 515 -11.93 -19.50 22.28
C THR B 515 -12.70 -20.42 21.32
N THR B 516 -11.96 -20.92 20.33
CA THR B 516 -12.38 -22.06 19.53
C THR B 516 -11.24 -23.08 19.58
N TRP B 517 -11.57 -24.32 19.95
CA TRP B 517 -10.59 -25.40 19.91
C TRP B 517 -10.77 -26.12 18.58
N PHE B 518 -9.69 -26.22 17.81
CA PHE B 518 -9.81 -26.70 16.43
C PHE B 518 -8.90 -27.87 16.13
N ALA B 519 -9.49 -28.93 15.57
CA ALA B 519 -8.69 -30.04 15.06
C ALA B 519 -8.87 -30.16 13.54
N PRO B 520 -7.80 -29.98 12.76
CA PRO B 520 -7.92 -30.13 11.30
C PRO B 520 -7.95 -31.60 10.91
N ARG B 521 -8.72 -31.94 9.86
CA ARG B 521 -8.73 -33.30 9.33
C ARG B 521 -7.35 -33.66 8.78
N LEU B 522 -6.82 -34.79 9.21
CA LEU B 522 -5.53 -35.27 8.75
C LEU B 522 -5.73 -36.22 7.59
N THR B 523 -4.79 -36.23 6.65
CA THR B 523 -4.94 -37.05 5.43
C THR B 523 -3.74 -37.95 5.17
N GLY B 524 -2.67 -37.80 5.93
CA GLY B 524 -1.39 -38.43 5.61
C GLY B 524 -0.68 -37.82 4.41
N LYS B 525 -1.13 -36.67 3.92
CA LYS B 525 -0.58 -36.10 2.70
C LYS B 525 -0.19 -34.61 2.92
N GLY B 526 0.87 -34.15 2.26
CA GLY B 526 1.25 -32.73 2.27
C GLY B 526 1.44 -32.24 3.69
N ALA B 527 0.75 -31.17 4.04
CA ALA B 527 0.90 -30.57 5.35
C ALA B 527 -0.08 -31.18 6.37
N PHE B 528 -0.86 -32.17 5.96
CA PHE B 528 -1.82 -32.82 6.88
C PHE B 528 -1.45 -34.25 7.27
N LYS B 529 -0.16 -34.46 7.53
CA LYS B 529 0.31 -35.69 8.18
C LYS B 529 0.17 -35.60 9.71
N SER B 530 0.24 -34.39 10.25
CA SER B 530 0.01 -34.19 11.69
C SER B 530 -0.50 -32.77 11.91
N VAL B 531 -1.01 -32.51 13.12
CA VAL B 531 -1.64 -31.25 13.44
C VAL B 531 -0.50 -30.27 13.56
N TYR B 532 0.66 -30.74 13.99
CA TYR B 532 1.78 -29.86 14.08
C TYR B 532 2.12 -29.29 12.69
N ASP B 533 2.14 -30.16 11.68
CA ASP B 533 2.52 -29.79 10.33
C ASP B 533 1.57 -28.76 9.76
N VAL B 534 0.29 -28.85 10.14
CA VAL B 534 -0.73 -27.89 9.72
C VAL B 534 -0.38 -26.49 10.25
N MET B 535 -0.12 -26.39 11.56
CA MET B 535 0.29 -25.12 12.12
C MET B 535 1.63 -24.62 11.59
N ASN B 536 2.62 -25.52 11.50
CA ASN B 536 3.96 -25.18 11.05
C ASN B 536 3.90 -24.66 9.62
N ASN B 537 2.85 -25.03 8.87
CA ASN B 537 2.64 -24.53 7.51
C ASN B 537 1.66 -23.37 7.35
N TRP B 538 1.11 -22.89 8.44
CA TRP B 538 0.14 -21.82 8.32
C TRP B 538 0.89 -20.51 8.06
N GLY B 539 0.44 -19.78 7.03
CA GLY B 539 1.23 -18.67 6.48
C GLY B 539 1.12 -17.32 7.16
N ALA B 540 0.28 -17.23 8.18
CA ALA B 540 0.12 -15.99 8.94
C ALA B 540 -0.29 -16.32 10.38
N ASN B 541 -0.24 -15.33 11.25
CA ASN B 541 -0.78 -15.47 12.62
C ASN B 541 -2.32 -15.57 12.69
N HIS B 542 -3.00 -15.16 11.61
CA HIS B 542 -4.46 -15.17 11.56
C HIS B 542 -5.07 -16.23 10.64
N GLY B 543 -6.32 -16.58 10.93
CA GLY B 543 -7.11 -17.40 10.04
C GLY B 543 -8.54 -16.91 10.08
N ALA B 544 -9.30 -17.28 9.04
CA ALA B 544 -10.74 -17.02 8.95
C ALA B 544 -11.44 -18.36 9.09
N ILE B 545 -12.45 -18.44 9.95
CA ILE B 545 -13.12 -19.72 10.22
C ILE B 545 -14.61 -19.61 9.97
N THR B 546 -15.10 -20.49 9.11
CA THR B 546 -16.52 -20.54 8.77
C THR B 546 -17.13 -21.85 9.29
N TYR B 547 -18.43 -21.84 9.55
CA TYR B 547 -19.15 -23.08 9.75
C TYR B 547 -19.17 -23.81 8.42
N GLY B 548 -19.10 -25.14 8.48
CA GLY B 548 -19.22 -25.96 7.28
C GLY B 548 -17.90 -26.40 6.66
N HIS B 549 -17.97 -27.43 5.83
CA HIS B 549 -16.81 -27.91 5.10
C HIS B 549 -16.88 -27.35 3.68
N ILE B 550 -16.17 -26.23 3.43
CA ILE B 550 -16.38 -25.47 2.19
C ILE B 550 -15.14 -25.48 1.30
N GLY B 551 -14.25 -26.44 1.58
CA GLY B 551 -12.95 -26.52 0.94
C GLY B 551 -13.09 -26.64 -0.57
N ALA B 552 -14.00 -27.51 -1.01
CA ALA B 552 -14.22 -27.73 -2.43
C ALA B 552 -14.80 -26.46 -3.08
N ASP B 553 -15.66 -25.74 -2.36
CA ASP B 553 -16.14 -24.46 -2.86
C ASP B 553 -15.00 -23.43 -3.00
N LEU B 554 -14.16 -23.34 -1.97
CA LEU B 554 -13.01 -22.42 -2.01
C LEU B 554 -12.03 -22.71 -3.18
N ILE B 555 -11.75 -23.98 -3.39
CA ILE B 555 -10.88 -24.40 -4.47
C ILE B 555 -11.45 -23.96 -5.82
N THR B 556 -12.77 -24.07 -5.96
CA THR B 556 -13.41 -23.71 -7.20
C THR B 556 -13.33 -22.19 -7.38
N LEU B 557 -13.62 -21.48 -6.30
CA LEU B 557 -13.53 -20.02 -6.29
C LEU B 557 -12.13 -19.57 -6.65
N ALA B 558 -11.11 -20.24 -6.08
CA ALA B 558 -9.75 -19.81 -6.25
C ALA B 558 -9.35 -19.93 -7.71
N SER B 559 -9.79 -21.00 -8.36
CA SER B 559 -9.47 -21.25 -9.75
C SER B 559 -10.11 -20.17 -10.63
N MET B 560 -11.31 -19.72 -10.26
CA MET B 560 -11.99 -18.65 -11.00
C MET B 560 -11.20 -17.35 -10.89
N LEU B 561 -10.53 -17.16 -9.77
CA LEU B 561 -9.76 -15.92 -9.57
C LEU B 561 -8.29 -16.08 -9.93
N ARG B 562 -7.94 -17.29 -10.37
CA ARG B 562 -6.53 -17.65 -10.68
C ARG B 562 -5.64 -17.45 -9.47
N ILE B 563 -6.17 -17.85 -8.31
CA ILE B 563 -5.39 -17.87 -7.08
C ILE B 563 -4.96 -19.31 -6.80
N PRO B 564 -3.65 -19.59 -6.81
CA PRO B 564 -3.29 -21.00 -6.57
C PRO B 564 -3.54 -21.40 -5.11
N VAL B 565 -3.84 -22.67 -4.90
CA VAL B 565 -4.06 -23.19 -3.56
C VAL B 565 -2.78 -23.89 -3.11
N ASN B 566 -2.03 -23.31 -2.17
CA ASN B 566 -0.75 -23.91 -1.74
C ASN B 566 -0.91 -25.12 -0.81
N MET B 567 -2.09 -25.20 -0.19
CA MET B 567 -2.34 -26.11 0.91
C MET B 567 -3.85 -26.30 1.18
N HIS B 568 -4.34 -27.53 1.04
CA HIS B 568 -5.72 -27.87 1.41
C HIS B 568 -5.78 -29.37 1.78
N ASN B 569 -6.82 -29.75 2.53
CA ASN B 569 -7.05 -31.14 2.89
C ASN B 569 -8.38 -31.67 2.31
N VAL B 570 -8.74 -31.18 1.12
CA VAL B 570 -9.97 -31.57 0.42
C VAL B 570 -9.64 -32.83 -0.36
N PRO B 571 -10.56 -33.82 -0.37
CA PRO B 571 -10.29 -35.02 -1.19
C PRO B 571 -10.16 -34.64 -2.66
N GLU B 572 -9.19 -35.26 -3.32
CA GLU B 572 -8.89 -34.95 -4.72
C GLU B 572 -10.09 -35.12 -5.67
N GLU B 573 -10.96 -36.10 -5.40
CA GLU B 573 -12.10 -36.32 -6.28
C GLU B 573 -13.13 -35.16 -6.26
N ASP B 574 -13.03 -34.26 -5.29
CA ASP B 574 -13.92 -33.12 -5.20
C ASP B 574 -13.39 -31.84 -5.84
N ILE B 575 -12.10 -31.85 -6.21
CA ILE B 575 -11.48 -30.73 -6.88
C ILE B 575 -12.20 -30.48 -8.22
N PHE B 576 -12.68 -29.26 -8.39
CA PHE B 576 -13.49 -28.90 -9.53
C PHE B 576 -12.98 -27.55 -10.03
N ARG B 577 -12.29 -27.58 -11.17
CA ARG B 577 -11.54 -26.46 -11.71
C ARG B 577 -11.89 -26.36 -13.18
N PRO B 578 -11.63 -25.20 -13.84
CA PRO B 578 -11.95 -25.15 -15.27
C PRO B 578 -11.23 -26.27 -16.00
N LYS B 579 -11.87 -26.74 -17.08
CA LYS B 579 -11.37 -27.92 -17.77
C LYS B 579 -9.93 -27.76 -18.30
N ASN B 580 -9.53 -26.56 -18.69
CA ASN B 580 -8.14 -26.41 -19.17
C ASN B 580 -7.05 -26.58 -18.12
N TRP B 581 -7.37 -26.35 -16.83
CA TRP B 581 -6.39 -26.70 -15.81
C TRP B 581 -5.82 -28.08 -16.12
N SER B 582 -6.67 -28.95 -16.65
CA SER B 582 -6.30 -30.32 -16.90
C SER B 582 -5.24 -30.41 -18.01
N LEU B 583 -5.27 -29.47 -18.96
CA LEU B 583 -4.18 -29.42 -19.95
C LEU B 583 -2.80 -29.07 -19.36
N PHE B 584 -2.78 -28.51 -18.14
CA PHE B 584 -1.52 -28.22 -17.46
C PHE B 584 -1.01 -29.43 -16.65
N GLY B 585 -1.78 -30.52 -16.65
CA GLY B 585 -1.32 -31.74 -15.97
C GLY B 585 -2.40 -32.44 -15.16
N THR B 586 -2.38 -33.78 -15.14
CA THR B 586 -3.40 -34.53 -14.41
C THR B 586 -2.86 -35.23 -13.19
N GLU B 587 -1.54 -35.36 -13.05
CA GLU B 587 -0.91 -36.00 -11.88
C GLU B 587 -0.50 -35.02 -10.79
N ASP B 588 0.32 -34.03 -11.14
CA ASP B 588 0.77 -33.01 -10.19
C ASP B 588 -0.23 -31.85 -10.16
N LEU B 589 -1.40 -32.08 -9.55
CA LEU B 589 -2.50 -31.11 -9.64
C LEU B 589 -2.07 -29.79 -9.05
N GLU B 590 -1.27 -29.85 -7.99
CA GLU B 590 -0.76 -28.65 -7.36
C GLU B 590 0.07 -27.79 -8.33
N SER B 591 1.12 -28.36 -8.93
CA SER B 591 1.96 -27.63 -9.90
C SER B 591 1.16 -27.16 -11.09
N ALA B 592 0.21 -27.99 -11.53
CA ALA B 592 -0.65 -27.65 -12.66
C ALA B 592 -1.44 -26.39 -12.36
N ASP B 593 -1.91 -26.27 -11.12
CA ASP B 593 -2.69 -25.14 -10.68
C ASP B 593 -1.83 -23.86 -10.69
N TYR B 594 -0.61 -23.96 -10.16
CA TYR B 594 0.33 -22.84 -10.23
C TYR B 594 0.63 -22.42 -11.66
N ARG B 595 0.92 -23.39 -12.52
CA ARG B 595 1.21 -23.14 -13.94
C ARG B 595 0.05 -22.42 -14.59
N ALA B 596 -1.16 -22.92 -14.35
CA ALA B 596 -2.34 -22.35 -14.95
C ALA B 596 -2.59 -20.93 -14.42
N CYS B 597 -2.53 -20.73 -13.10
CA CYS B 597 -2.72 -19.38 -12.55
C CYS B 597 -1.64 -18.42 -13.01
N GLN B 598 -0.40 -18.90 -13.07
CA GLN B 598 0.74 -18.11 -13.54
C GLN B 598 0.49 -17.61 -14.97
N LEU B 599 0.13 -18.54 -15.86
CA LEU B 599 -0.09 -18.22 -17.24
C LEU B 599 -1.27 -17.30 -17.44
N LEU B 600 -2.39 -17.59 -16.80
CA LEU B 600 -3.62 -16.86 -17.12
C LEU B 600 -3.61 -15.52 -16.41
N GLY B 601 -3.06 -15.48 -15.21
CA GLY B 601 -2.99 -14.21 -14.49
C GLY B 601 -4.33 -13.83 -13.89
N PRO B 602 -4.34 -12.72 -13.13
CA PRO B 602 -5.57 -12.25 -12.49
C PRO B 602 -6.56 -11.73 -13.54
N LEU B 603 -7.85 -11.84 -13.24
CA LEU B 603 -8.93 -11.44 -14.16
C LEU B 603 -8.80 -10.03 -14.72
N HIS B 604 -8.30 -9.10 -13.91
CA HIS B 604 -8.39 -7.69 -14.27
C HIS B 604 -7.04 -6.99 -14.30
N LYS B 605 -6.03 -7.65 -14.84
CA LYS B 605 -4.74 -7.02 -15.05
C LYS B 605 -4.66 -6.60 -16.51
MN MN C . -1.25 19.36 -3.39
C1 EDO D . 19.03 -3.91 2.24
O1 EDO D . 19.97 -4.01 1.17
C2 EDO D . 19.29 -2.59 2.92
O2 EDO D . 20.68 -2.35 2.82
C1 EDO E . 36.12 5.16 -20.37
O1 EDO E . 34.70 4.99 -20.44
C2 EDO E . 36.73 3.79 -20.51
O2 EDO E . 37.24 3.67 -21.82
C1 EDO F . 3.97 46.28 -20.76
O1 EDO F . 3.72 45.08 -21.50
C2 EDO F . 2.66 46.75 -20.15
O2 EDO F . 2.54 46.17 -18.84
C1 EDO G . 28.82 19.62 -0.76
O1 EDO G . 28.46 18.42 -0.05
C2 EDO G . 28.33 20.87 -0.02
O2 EDO G . 26.99 20.73 0.46
S SO4 H . 20.61 10.65 -29.69
O1 SO4 H . 21.40 10.22 -30.88
O2 SO4 H . 20.98 12.06 -29.35
O3 SO4 H . 21.00 9.81 -28.53
O4 SO4 H . 19.15 10.50 -29.94
C1 EDO I . -3.80 20.68 -3.84
O1 EDO I . -3.43 19.34 -4.21
C2 EDO I . -4.48 20.60 -2.49
O2 EDO I . -4.96 19.26 -2.35
S SO4 J . 20.51 28.15 -18.51
O1 SO4 J . 21.60 27.30 -19.07
O2 SO4 J . 20.94 28.66 -17.18
O3 SO4 J . 19.24 27.42 -18.36
O4 SO4 J . 20.29 29.27 -19.45
C TRS K . 22.90 -8.05 -15.58
C1 TRS K . 22.45 -7.74 -14.15
C2 TRS K . 21.72 -8.75 -16.27
C3 TRS K . 23.39 -6.77 -16.30
N TRS K . 24.00 -9.03 -15.45
O1 TRS K . 23.43 -7.99 -13.12
O2 TRS K . 21.54 -10.12 -15.83
O3 TRS K . 23.77 -6.73 -17.70
MN MN L . -4.08 -10.91 16.22
C1 EDO M . -1.58 -37.19 -7.76
O1 EDO M . -0.41 -36.39 -7.55
C2 EDO M . -2.78 -36.31 -8.06
O2 EDO M . -3.26 -36.44 -9.42
C1 EDO N . -23.03 -2.22 30.88
O1 EDO N . -23.50 -3.31 30.08
C2 EDO N . -23.68 -0.92 30.42
O2 EDO N . -23.40 0.14 31.37
C1 EDO O . -12.68 -4.23 -13.50
O1 EDO O . -13.02 -5.13 -14.58
C2 EDO O . -13.53 -4.44 -12.25
O2 EDO O . -14.90 -4.64 -12.58
C1 EDO P . -4.18 5.85 31.97
O1 EDO P . -3.28 6.10 33.03
C2 EDO P . -5.39 6.67 32.31
O2 EDO P . -4.82 7.93 32.68
C1 EDO Q . -1.42 -9.65 18.08
O1 EDO Q . -2.81 -9.63 18.41
C2 EDO Q . -1.27 -10.34 16.72
O2 EDO Q . -2.50 -10.34 15.98
S SO4 R . 5.09 -24.42 -11.98
O1 SO4 R . 5.66 -23.93 -10.72
O2 SO4 R . 3.81 -23.69 -12.20
O3 SO4 R . 4.90 -25.89 -11.85
O4 SO4 R . 6.05 -24.11 -13.08
C1 EDO S . -18.56 -33.63 -1.70
O1 EDO S . -18.91 -32.72 -2.76
C2 EDO S . -18.09 -32.78 -0.52
O2 EDO S . -18.77 -31.50 -0.55
S SO4 T . -32.80 -8.20 18.92
O1 SO4 T . -32.34 -7.22 19.94
O2 SO4 T . -31.63 -8.48 18.07
O3 SO4 T . -33.89 -7.63 18.08
O4 SO4 T . -33.24 -9.47 19.59
#